data_3V9U
#
_entry.id   3V9U
#
_cell.length_a   46.254
_cell.length_b   46.254
_cell.length_c   313.646
_cell.angle_alpha   90.00
_cell.angle_beta   90.00
_cell.angle_gamma   120.00
#
_symmetry.space_group_name_H-M   'P 32'
#
loop_
_entity.id
_entity.type
_entity.pdbx_description
1 polymer 'Ribonuclease T'
2 polymer "DNA (5'-D(*TP*TP*AP*CP*AP*AP*T)-3')"
3 non-polymer 'MAGNESIUM ION'
4 non-polymer 'COBALT (II) ION'
5 water water
#
loop_
_entity_poly.entity_id
_entity_poly.type
_entity_poly.pdbx_seq_one_letter_code
_entity_poly.pdbx_strand_id
1 'polypeptide(L)'
;MGSSHHHHHHSSGLVPRGSHMSDNAQLTGLCDRFRGFYPVVIDVETAGFNAKTDALLEIAAITLKMDEQGWLMPDTTLHF
HVEPFVGANLQPEALAFNGIDPNDPDRGAVSGYEALHEIFKVVRKGIKASGCNRAIMVAHNANFDHSFMMAAAERASLKR
NPFHPFATFDTAALAGLALGQTVLSKACQTAGMDFDSTQAHSALYDTERTAVLFCEIVNRWKRLGGWPLSAAEEV
;
A,B,C,D
2 'polydeoxyribonucleotide' (DT)(DT)(DA)(DC)(DA)(DA)(DT) E,F,G,H
#
loop_
_chem_comp.id
_chem_comp.type
_chem_comp.name
_chem_comp.formula
CO non-polymer 'COBALT (II) ION' 'Co 2'
DA DNA linking 2'-DEOXYADENOSINE-5'-MONOPHOSPHATE 'C10 H14 N5 O6 P'
DC DNA linking 2'-DEOXYCYTIDINE-5'-MONOPHOSPHATE 'C9 H14 N3 O7 P'
DT DNA linking THYMIDINE-5'-MONOPHOSPHATE 'C10 H15 N2 O8 P'
MG non-polymer 'MAGNESIUM ION' 'Mg 2'
#
# COMPACT_ATOMS: atom_id res chain seq x y z
N ASN A 24 -24.43 -20.62 43.13
CA ASN A 24 -24.69 -21.05 41.75
C ASN A 24 -25.17 -19.91 40.86
N ALA A 25 -26.14 -19.13 41.35
CA ALA A 25 -26.72 -18.06 40.58
C ALA A 25 -25.69 -17.00 40.18
N GLN A 26 -24.95 -16.49 41.16
CA GLN A 26 -23.98 -15.43 40.93
C GLN A 26 -22.80 -15.85 40.05
N LEU A 27 -22.53 -17.15 39.99
CA LEU A 27 -21.49 -17.68 39.11
C LEU A 27 -22.06 -17.89 37.71
N THR A 28 -23.37 -18.09 37.64
CA THR A 28 -24.06 -18.26 36.36
C THR A 28 -24.30 -16.90 35.69
N GLY A 29 -24.68 -15.91 36.48
CA GLY A 29 -24.90 -14.56 35.99
C GLY A 29 -23.61 -13.95 35.48
N LEU A 30 -22.51 -14.25 36.16
CA LEU A 30 -21.19 -13.87 35.72
C LEU A 30 -20.88 -14.44 34.34
N CYS A 31 -20.99 -15.77 34.22
CA CYS A 31 -20.63 -16.43 32.97
C CYS A 31 -21.51 -15.98 31.80
N ASP A 32 -22.79 -15.79 32.09
CA ASP A 32 -23.73 -15.37 31.07
C ASP A 32 -23.38 -13.97 30.54
N ARG A 33 -22.71 -13.17 31.38
CA ARG A 33 -22.25 -11.86 30.97
C ARG A 33 -21.24 -11.96 29.83
N PHE A 34 -20.52 -13.07 29.80
CA PHE A 34 -19.48 -13.29 28.80
C PHE A 34 -19.72 -14.57 28.00
N ARG A 35 -20.98 -14.77 27.63
CA ARG A 35 -21.38 -15.88 26.78
C ARG A 35 -20.76 -17.22 27.21
N GLY A 36 -20.84 -17.52 28.51
CA GLY A 36 -20.39 -18.81 29.00
C GLY A 36 -19.00 -18.79 29.60
N PHE A 37 -18.24 -17.73 29.34
CA PHE A 37 -16.89 -17.60 29.87
C PHE A 37 -16.86 -17.25 31.34
N TYR A 38 -15.97 -17.93 32.06
CA TYR A 38 -15.79 -17.71 33.49
C TYR A 38 -14.44 -17.03 33.69
N PRO A 39 -14.46 -15.70 33.83
CA PRO A 39 -13.22 -14.92 33.85
C PRO A 39 -12.44 -15.08 35.16
N VAL A 40 -11.17 -15.45 35.02
CA VAL A 40 -10.28 -15.59 36.17
C VAL A 40 -9.04 -14.72 36.00
N VAL A 41 -8.82 -13.82 36.94
CA VAL A 41 -7.69 -12.93 36.88
C VAL A 41 -6.42 -13.69 37.24
N ILE A 42 -5.40 -13.60 36.40
CA ILE A 42 -4.15 -14.28 36.68
C ILE A 42 -2.98 -13.30 36.55
N ASP A 43 -2.03 -13.42 37.47
CA ASP A 43 -0.75 -12.77 37.27
C ASP A 43 0.38 -13.75 37.57
N VAL A 44 1.45 -13.64 36.80
CA VAL A 44 2.57 -14.55 36.93
C VAL A 44 3.89 -13.79 37.08
N GLU A 45 4.79 -14.33 37.88
CA GLU A 45 6.17 -13.85 37.91
C GLU A 45 7.06 -14.89 37.26
N THR A 46 8.09 -14.45 36.56
CA THR A 46 8.92 -15.36 35.80
C THR A 46 10.40 -15.01 35.94
N ALA A 47 11.25 -15.84 35.37
CA ALA A 47 12.68 -15.56 35.33
C ALA A 47 13.08 -15.02 33.96
N GLY A 48 12.10 -14.65 33.15
CA GLY A 48 12.37 -14.12 31.83
C GLY A 48 11.13 -13.88 30.98
N PHE A 49 11.35 -13.67 29.68
CA PHE A 49 10.26 -13.38 28.76
C PHE A 49 9.93 -14.56 27.84
N ASN A 50 10.69 -15.63 27.95
CA ASN A 50 10.41 -16.82 27.15
C ASN A 50 9.67 -17.91 27.95
N ALA A 51 8.40 -18.11 27.61
CA ALA A 51 7.54 -19.03 28.34
C ALA A 51 8.00 -20.48 28.28
N LYS A 52 8.69 -20.84 27.21
CA LYS A 52 9.14 -22.22 27.02
C LYS A 52 10.49 -22.53 27.67
N THR A 53 11.30 -21.49 27.93
CA THR A 53 12.65 -21.70 28.42
C THR A 53 12.98 -20.99 29.73
N ASP A 54 12.22 -19.97 30.08
CA ASP A 54 12.45 -19.25 31.33
C ASP A 54 11.49 -19.73 32.43
N ALA A 55 11.97 -19.70 33.67
CA ALA A 55 11.23 -20.25 34.79
C ALA A 55 9.97 -19.46 35.15
N LEU A 56 8.91 -20.20 35.49
CA LEU A 56 7.77 -19.64 36.19
C LEU A 56 8.14 -19.56 37.67
N LEU A 57 7.94 -18.41 38.30
CA LEU A 57 8.39 -18.23 39.67
C LEU A 57 7.27 -17.96 40.67
N GLU A 58 6.14 -17.45 40.19
CA GLU A 58 5.03 -17.10 41.07
C GLU A 58 3.73 -17.02 40.27
N ILE A 59 2.64 -17.45 40.89
CA ILE A 59 1.34 -17.34 40.26
C ILE A 59 0.23 -17.07 41.27
N ALA A 60 -0.63 -16.10 40.93
CA ALA A 60 -1.77 -15.76 41.76
C ALA A 60 -3.01 -15.76 40.89
N ALA A 61 -4.13 -16.17 41.46
CA ALA A 61 -5.37 -16.30 40.71
C ALA A 61 -6.51 -15.70 41.51
N ILE A 62 -7.32 -14.89 40.88
CA ILE A 62 -8.50 -14.33 41.54
C ILE A 62 -9.76 -14.58 40.72
N THR A 63 -10.69 -15.33 41.30
CA THR A 63 -11.97 -15.59 40.65
C THR A 63 -12.91 -14.41 40.91
N LEU A 64 -13.99 -14.34 40.15
CA LEU A 64 -14.92 -13.22 40.25
C LEU A 64 -16.34 -13.71 40.49
N LYS A 65 -17.22 -12.76 40.78
CA LYS A 65 -18.64 -13.06 40.98
C LYS A 65 -19.50 -11.83 40.71
N MET A 66 -20.75 -12.07 40.38
CA MET A 66 -21.71 -10.99 40.10
C MET A 66 -22.78 -10.96 41.20
N ASP A 67 -22.93 -9.80 41.82
CA ASP A 67 -23.98 -9.63 42.82
C ASP A 67 -25.34 -9.57 42.13
N GLU A 68 -26.40 -9.57 42.94
CA GLU A 68 -27.77 -9.60 42.43
C GLU A 68 -28.09 -8.37 41.58
N GLN A 69 -27.38 -7.28 41.83
CA GLN A 69 -27.58 -6.04 41.09
C GLN A 69 -26.92 -6.11 39.72
N GLY A 70 -26.05 -7.11 39.55
CA GLY A 70 -25.36 -7.31 38.29
C GLY A 70 -23.99 -6.68 38.26
N TRP A 71 -23.50 -6.28 39.43
CA TRP A 71 -22.16 -5.71 39.53
C TRP A 71 -21.11 -6.81 39.70
N LEU A 72 -19.93 -6.58 39.12
CA LEU A 72 -18.83 -7.52 39.19
C LEU A 72 -17.92 -7.17 40.35
N MET A 73 -17.35 -8.20 40.97
CA MET A 73 -16.38 -8.01 42.04
C MET A 73 -15.54 -9.26 42.27
N PRO A 74 -14.37 -9.11 42.91
CA PRO A 74 -13.47 -10.21 43.27
C PRO A 74 -14.10 -11.21 44.24
N ASP A 75 -13.88 -12.50 44.00
CA ASP A 75 -14.42 -13.53 44.86
C ASP A 75 -13.33 -14.26 45.66
N THR A 76 -12.63 -15.19 45.01
CA THR A 76 -11.62 -16.02 45.68
C THR A 76 -10.19 -15.69 45.25
N THR A 77 -9.24 -15.90 46.15
CA THR A 77 -7.82 -15.66 45.86
C THR A 77 -6.91 -16.84 46.21
N LEU A 78 -6.15 -17.31 45.22
CA LEU A 78 -5.09 -18.28 45.44
C LEU A 78 -3.74 -17.70 45.04
N HIS A 79 -2.68 -18.22 45.65
CA HIS A 79 -1.35 -17.72 45.35
C HIS A 79 -0.28 -18.74 45.71
N PHE A 80 0.63 -18.98 44.78
CA PHE A 80 1.72 -19.92 45.00
C PHE A 80 3.02 -19.33 44.51
N HIS A 81 4.09 -19.60 45.24
CA HIS A 81 5.43 -19.43 44.71
C HIS A 81 5.78 -20.73 43.99
N VAL A 82 6.47 -20.62 42.87
CA VAL A 82 6.74 -21.80 42.05
C VAL A 82 8.23 -22.10 41.95
N GLU A 83 8.58 -23.36 42.17
CA GLU A 83 9.94 -23.83 41.99
C GLU A 83 10.31 -23.81 40.52
N PRO A 84 11.42 -23.12 40.19
CA PRO A 84 11.93 -23.17 38.81
C PRO A 84 12.04 -24.61 38.35
N PHE A 85 11.44 -24.93 37.22
CA PHE A 85 11.47 -26.30 36.72
C PHE A 85 12.90 -26.66 36.31
N VAL A 86 13.21 -27.95 36.27
CA VAL A 86 14.54 -28.41 35.90
C VAL A 86 14.82 -28.09 34.43
N GLY A 87 15.87 -27.34 34.18
CA GLY A 87 16.24 -26.94 32.84
C GLY A 87 15.91 -25.49 32.61
N ALA A 88 15.21 -24.89 33.57
CA ALA A 88 14.77 -23.51 33.46
C ALA A 88 15.94 -22.53 33.40
N ASN A 89 15.93 -21.67 32.39
CA ASN A 89 16.85 -20.55 32.32
C ASN A 89 16.38 -19.49 33.31
N LEU A 90 17.28 -18.65 33.78
CA LEU A 90 16.91 -17.54 34.67
C LEU A 90 17.68 -16.26 34.36
N GLN A 91 16.97 -15.25 33.90
CA GLN A 91 17.58 -13.96 33.60
C GLN A 91 17.65 -13.09 34.84
N PRO A 92 18.86 -12.68 35.23
CA PRO A 92 19.08 -11.86 36.43
C PRO A 92 18.29 -10.55 36.35
N GLU A 93 18.11 -10.03 35.14
CA GLU A 93 17.34 -8.81 34.94
C GLU A 93 15.89 -9.03 35.38
N ALA A 94 15.43 -10.27 35.25
CA ALA A 94 14.10 -10.64 35.70
C ALA A 94 14.04 -10.66 37.22
N LEU A 95 14.97 -11.38 37.83
CA LEU A 95 15.06 -11.45 39.29
C LEU A 95 15.24 -10.07 39.91
N ALA A 96 16.08 -9.25 39.27
CA ALA A 96 16.29 -7.89 39.74
C ALA A 96 15.00 -7.07 39.64
N PHE A 97 14.17 -7.43 38.67
CA PHE A 97 12.93 -6.69 38.43
C PHE A 97 11.85 -6.99 39.46
N ASN A 98 11.58 -8.28 39.69
CA ASN A 98 10.52 -8.66 40.62
C ASN A 98 11.05 -9.00 42.01
N GLY A 99 12.38 -9.08 42.12
CA GLY A 99 13.04 -9.27 43.39
C GLY A 99 12.97 -10.66 43.98
N ILE A 100 12.60 -11.63 43.15
CA ILE A 100 12.47 -13.00 43.65
C ILE A 100 13.80 -13.75 43.71
N ASP A 101 14.05 -14.40 44.84
CA ASP A 101 15.23 -15.22 45.01
C ASP A 101 14.83 -16.70 45.03
N PRO A 102 15.00 -17.39 43.90
CA PRO A 102 14.60 -18.79 43.75
C PRO A 102 15.35 -19.70 44.71
N ASN A 103 16.32 -19.15 45.44
CA ASN A 103 17.14 -19.92 46.35
C ASN A 103 16.67 -19.87 47.81
N ASP A 104 16.15 -18.72 48.22
CA ASP A 104 15.63 -18.54 49.58
C ASP A 104 14.84 -19.77 50.05
N PRO A 105 15.26 -20.37 51.17
CA PRO A 105 14.64 -21.58 51.71
C PRO A 105 13.22 -21.33 52.21
N ASP A 106 13.01 -20.26 52.97
CA ASP A 106 11.70 -19.95 53.54
C ASP A 106 10.71 -19.48 52.47
N ARG A 107 11.05 -19.69 51.21
CA ARG A 107 10.22 -19.21 50.12
C ARG A 107 8.90 -19.98 50.03
N GLY A 108 8.98 -21.30 50.18
CA GLY A 108 7.79 -22.13 50.17
C GLY A 108 7.31 -22.44 48.77
N ALA A 109 8.24 -22.49 47.82
CA ALA A 109 7.90 -22.76 46.43
C ALA A 109 7.43 -24.21 46.24
N VAL A 110 6.45 -24.40 45.36
CA VAL A 110 6.00 -25.74 44.98
C VAL A 110 6.28 -25.96 43.50
N SER A 111 5.98 -27.15 42.99
CA SER A 111 6.16 -27.42 41.58
C SER A 111 5.11 -26.71 40.76
N GLY A 112 5.40 -26.49 39.48
CA GLY A 112 4.43 -25.89 38.58
C GLY A 112 3.17 -26.71 38.56
N TYR A 113 3.33 -28.03 38.53
CA TYR A 113 2.21 -28.95 38.58
C TYR A 113 1.30 -28.65 39.78
N GLU A 114 1.88 -28.63 40.97
CA GLU A 114 1.10 -28.40 42.18
C GLU A 114 0.33 -27.07 42.11
N ALA A 115 1.00 -26.01 41.70
CA ALA A 115 0.38 -24.70 41.65
C ALA A 115 -0.82 -24.67 40.71
N LEU A 116 -0.63 -25.13 39.47
CA LEU A 116 -1.70 -25.11 38.48
C LEU A 116 -2.85 -26.07 38.82
N HIS A 117 -2.49 -27.24 39.33
CA HIS A 117 -3.49 -28.24 39.70
C HIS A 117 -4.46 -27.66 40.73
N GLU A 118 -3.92 -27.01 41.77
CA GLU A 118 -4.74 -26.37 42.80
C GLU A 118 -5.60 -25.24 42.25
N ILE A 119 -5.03 -24.43 41.36
CA ILE A 119 -5.80 -23.38 40.72
C ILE A 119 -6.89 -23.96 39.80
N PHE A 120 -6.52 -24.90 38.94
CA PHE A 120 -7.49 -25.54 38.05
C PHE A 120 -8.63 -26.18 38.86
N LYS A 121 -8.27 -26.83 39.96
CA LYS A 121 -9.27 -27.49 40.80
C LYS A 121 -10.31 -26.47 41.26
N VAL A 122 -9.85 -25.31 41.71
CA VAL A 122 -10.76 -24.25 42.16
C VAL A 122 -11.56 -23.68 41.00
N VAL A 123 -10.93 -23.59 39.83
CA VAL A 123 -11.59 -23.05 38.65
C VAL A 123 -12.63 -24.03 38.10
N ARG A 124 -12.25 -25.29 37.98
CA ARG A 124 -13.15 -26.31 37.46
C ARG A 124 -14.44 -26.40 38.27
N LYS A 125 -14.35 -26.13 39.57
CA LYS A 125 -15.54 -26.08 40.41
C LYS A 125 -16.40 -24.91 40.00
N GLY A 126 -15.78 -23.76 39.78
CA GLY A 126 -16.50 -22.60 39.28
C GLY A 126 -17.28 -22.96 38.03
N ILE A 127 -16.60 -23.54 37.05
CA ILE A 127 -17.23 -23.90 35.77
C ILE A 127 -18.38 -24.91 35.93
N LYS A 128 -18.40 -25.65 37.03
CA LYS A 128 -19.48 -26.60 37.29
C LYS A 128 -20.78 -25.87 37.60
N ALA A 129 -20.70 -24.92 38.55
CA ALA A 129 -21.86 -24.12 38.93
C ALA A 129 -22.19 -23.22 37.76
N SER A 130 -22.72 -23.80 36.69
CA SER A 130 -22.58 -23.16 35.40
C SER A 130 -23.81 -22.83 34.54
N GLY A 131 -23.88 -21.57 34.18
CA GLY A 131 -24.25 -21.17 32.84
C GLY A 131 -22.87 -21.10 32.22
N CYS A 132 -21.89 -21.55 33.01
CA CYS A 132 -20.47 -21.52 32.65
C CYS A 132 -20.07 -22.72 31.81
N ASN A 133 -19.20 -22.48 30.84
CA ASN A 133 -18.75 -23.54 29.95
C ASN A 133 -17.23 -23.72 30.01
N ARG A 134 -16.51 -22.61 30.01
CA ARG A 134 -15.05 -22.65 30.02
C ARG A 134 -14.53 -21.40 30.75
N ALA A 135 -13.32 -21.48 31.26
CA ALA A 135 -12.71 -20.33 31.92
C ALA A 135 -11.90 -19.51 30.94
N ILE A 136 -11.83 -18.20 31.16
CA ILE A 136 -11.00 -17.37 30.32
C ILE A 136 -10.08 -16.54 31.20
N MET A 137 -8.82 -16.44 30.82
CA MET A 137 -7.85 -15.71 31.63
C MET A 137 -7.95 -14.21 31.45
N VAL A 138 -7.99 -13.51 32.58
CA VAL A 138 -7.90 -12.06 32.60
C VAL A 138 -6.52 -11.69 33.11
N ALA A 139 -5.78 -10.91 32.33
CA ALA A 139 -4.44 -10.52 32.73
C ALA A 139 -4.03 -9.27 31.99
N HIS A 140 -3.05 -8.55 32.54
CA HIS A 140 -2.59 -7.33 31.91
C HIS A 140 -1.50 -7.66 30.90
N ASN A 141 -1.78 -7.40 29.62
CA ASN A 141 -0.98 -7.98 28.54
C ASN A 141 -1.07 -9.50 28.65
N ALA A 142 -2.31 -9.99 28.59
CA ALA A 142 -2.64 -11.39 28.85
C ALA A 142 -1.83 -12.40 28.03
N ASN A 143 -1.38 -11.98 26.84
CA ASN A 143 -0.59 -12.87 26.00
C ASN A 143 0.61 -13.44 26.77
N PHE A 144 1.22 -12.59 27.59
CA PHE A 144 2.36 -13.00 28.40
C PHE A 144 1.97 -14.08 29.42
N ASP A 145 1.03 -13.76 30.30
CA ASP A 145 0.63 -14.68 31.36
C ASP A 145 0.02 -15.96 30.82
N HIS A 146 -0.74 -15.84 29.75
CA HIS A 146 -1.41 -16.98 29.14
C HIS A 146 -0.39 -18.01 28.66
N SER A 147 0.60 -17.55 27.91
CA SER A 147 1.61 -18.42 27.34
C SER A 147 2.43 -19.13 28.43
N PHE A 148 2.73 -18.43 29.51
CA PHE A 148 3.47 -19.07 30.60
C PHE A 148 2.62 -20.13 31.28
N MET A 149 1.35 -19.83 31.47
CA MET A 149 0.46 -20.82 32.07
C MET A 149 0.33 -22.05 31.18
N MET A 150 0.13 -21.83 29.88
CA MET A 150 0.02 -22.93 28.95
C MET A 150 1.31 -23.75 28.91
N ALA A 151 2.44 -23.07 29.04
CA ALA A 151 3.74 -23.75 29.01
C ALA A 151 3.96 -24.56 30.30
N ALA A 152 3.65 -23.96 31.44
CA ALA A 152 3.74 -24.66 32.72
C ALA A 152 2.86 -25.91 32.70
N ALA A 153 1.63 -25.77 32.21
CA ALA A 153 0.71 -26.90 32.11
C ALA A 153 1.26 -27.97 31.18
N GLU A 154 1.93 -27.51 30.13
CA GLU A 154 2.57 -28.39 29.16
C GLU A 154 3.60 -29.29 29.82
N ARG A 155 4.55 -28.67 30.54
CA ARG A 155 5.59 -29.42 31.26
C ARG A 155 4.98 -30.42 32.24
N ALA A 156 3.91 -30.00 32.91
CA ALA A 156 3.28 -30.83 33.92
C ALA A 156 2.35 -31.89 33.35
N SER A 157 2.06 -31.80 32.06
CA SER A 157 1.20 -32.78 31.39
C SER A 157 -0.22 -32.81 31.96
N LEU A 158 -0.74 -31.64 32.30
CA LEU A 158 -2.09 -31.53 32.83
C LEU A 158 -3.13 -31.64 31.71
N LYS A 159 -3.98 -32.65 31.80
CA LYS A 159 -4.95 -32.89 30.74
C LYS A 159 -6.25 -32.11 30.92
N ARG A 160 -6.63 -31.86 32.17
CA ARG A 160 -7.89 -31.19 32.47
C ARG A 160 -7.71 -29.69 32.71
N ASN A 161 -7.29 -28.97 31.67
CA ASN A 161 -7.08 -27.52 31.74
C ASN A 161 -8.34 -26.73 31.42
N PRO A 162 -8.92 -26.07 32.43
CA PRO A 162 -10.22 -25.39 32.30
C PRO A 162 -10.18 -24.07 31.51
N PHE A 163 -8.99 -23.51 31.31
CA PHE A 163 -8.89 -22.25 30.58
C PHE A 163 -8.93 -22.43 29.07
N HIS A 164 -9.66 -21.54 28.39
CA HIS A 164 -9.69 -21.52 26.95
C HIS A 164 -8.27 -21.50 26.40
N PRO A 165 -7.98 -22.38 25.43
CA PRO A 165 -6.60 -22.55 24.97
C PRO A 165 -6.04 -21.35 24.20
N PHE A 166 -6.88 -20.47 23.65
CA PHE A 166 -6.34 -19.32 22.91
C PHE A 166 -6.91 -17.94 23.24
N ALA A 167 -8.11 -17.88 23.81
CA ALA A 167 -8.75 -16.59 24.08
C ALA A 167 -8.41 -16.04 25.46
N THR A 168 -8.37 -14.71 25.57
CA THR A 168 -8.10 -14.06 26.85
C THR A 168 -8.84 -12.73 26.97
N PHE A 169 -8.92 -12.20 28.19
CA PHE A 169 -9.37 -10.84 28.41
C PHE A 169 -8.19 -9.97 28.87
N ASP A 170 -7.57 -9.29 27.92
CA ASP A 170 -6.40 -8.46 28.20
C ASP A 170 -6.80 -7.09 28.74
N THR A 171 -6.47 -6.82 29.99
CA THR A 171 -6.85 -5.55 30.60
C THR A 171 -6.10 -4.34 30.04
N ALA A 172 -4.95 -4.59 29.41
CA ALA A 172 -4.23 -3.51 28.74
C ALA A 172 -5.06 -2.96 27.57
N ALA A 173 -5.69 -3.85 26.81
CA ALA A 173 -6.57 -3.43 25.73
C ALA A 173 -7.88 -2.83 26.26
N LEU A 174 -8.44 -3.41 27.32
CA LEU A 174 -9.67 -2.88 27.89
C LEU A 174 -9.43 -1.50 28.50
N ALA A 175 -8.26 -1.33 29.13
CA ALA A 175 -7.88 -0.03 29.68
C ALA A 175 -7.61 1.01 28.59
N GLY A 176 -7.02 0.56 27.49
CA GLY A 176 -6.81 1.44 26.35
C GLY A 176 -8.15 2.04 25.96
N LEU A 177 -9.14 1.18 25.79
CA LEU A 177 -10.47 1.59 25.39
C LEU A 177 -11.13 2.53 26.40
N ALA A 178 -11.30 2.05 27.63
CA ALA A 178 -12.05 2.78 28.64
C ALA A 178 -11.28 3.97 29.23
N LEU A 179 -9.96 3.87 29.28
CA LEU A 179 -9.18 4.84 30.05
C LEU A 179 -8.13 5.60 29.24
N GLY A 180 -7.83 5.12 28.04
CA GLY A 180 -6.78 5.72 27.24
C GLY A 180 -5.39 5.45 27.80
N GLN A 181 -5.30 4.44 28.67
CA GLN A 181 -4.03 4.03 29.26
C GLN A 181 -3.82 2.52 29.09
N THR A 182 -2.58 2.11 28.80
CA THR A 182 -2.29 0.68 28.68
C THR A 182 -1.35 0.17 29.78
N VAL A 183 -0.73 1.10 30.52
CA VAL A 183 0.13 0.72 31.63
C VAL A 183 -0.73 0.46 32.87
N LEU A 184 -0.47 -0.63 33.57
CA LEU A 184 -1.32 -1.05 34.68
C LEU A 184 -1.45 0.04 35.75
N SER A 185 -0.31 0.53 36.21
CA SER A 185 -0.28 1.57 37.23
C SER A 185 -1.07 2.80 36.79
N LYS A 186 -0.76 3.29 35.60
CA LYS A 186 -1.41 4.49 35.07
C LYS A 186 -2.89 4.25 34.81
N ALA A 187 -3.24 3.06 34.35
CA ALA A 187 -4.64 2.70 34.15
C ALA A 187 -5.37 2.68 35.50
N CYS A 188 -4.75 2.08 36.51
CA CYS A 188 -5.38 2.03 37.83
C CYS A 188 -5.54 3.44 38.42
N GLN A 189 -4.47 4.22 38.40
CA GLN A 189 -4.55 5.63 38.82
C GLN A 189 -5.65 6.37 38.07
N THR A 190 -5.65 6.26 36.76
CA THR A 190 -6.59 6.99 35.92
C THR A 190 -8.03 6.56 36.19
N ALA A 191 -8.20 5.33 36.68
CA ALA A 191 -9.52 4.79 36.97
C ALA A 191 -10.03 5.25 38.33
N GLY A 192 -9.17 5.92 39.09
CA GLY A 192 -9.52 6.37 40.42
C GLY A 192 -9.20 5.31 41.46
N MET A 193 -8.25 4.45 41.14
CA MET A 193 -7.84 3.38 42.04
C MET A 193 -6.55 3.74 42.75
N ASP A 194 -6.38 3.19 43.95
CA ASP A 194 -5.14 3.26 44.68
C ASP A 194 -4.10 2.43 43.92
N PHE A 195 -2.87 2.91 43.86
CA PHE A 195 -1.78 2.11 43.29
C PHE A 195 -0.42 2.41 43.93
N ASP A 196 0.17 1.37 44.51
CA ASP A 196 1.42 1.48 45.25
C ASP A 196 2.58 0.85 44.47
N SER A 197 3.38 1.69 43.82
CA SER A 197 4.52 1.22 43.05
C SER A 197 5.42 0.30 43.87
N THR A 198 5.42 0.49 45.19
CA THR A 198 6.28 -0.28 46.07
C THR A 198 5.77 -1.72 46.23
N GLN A 199 4.50 -1.93 45.93
CA GLN A 199 3.89 -3.26 46.04
C GLN A 199 3.72 -3.92 44.67
N ALA A 200 3.96 -3.17 43.61
CA ALA A 200 3.82 -3.70 42.25
C ALA A 200 4.88 -4.74 41.94
N HIS A 201 4.66 -5.49 40.86
CA HIS A 201 5.56 -6.56 40.42
C HIS A 201 5.62 -7.71 41.42
N SER A 202 4.59 -7.79 42.24
CA SER A 202 4.35 -8.96 43.10
C SER A 202 3.09 -9.62 42.59
N ALA A 203 3.11 -10.94 42.46
CA ALA A 203 1.95 -11.64 41.91
C ALA A 203 0.64 -11.25 42.60
N LEU A 204 0.66 -11.24 43.93
CA LEU A 204 -0.56 -11.00 44.70
C LEU A 204 -1.13 -9.59 44.52
N TYR A 205 -0.31 -8.57 44.74
CA TYR A 205 -0.74 -7.20 44.57
C TYR A 205 -1.22 -6.95 43.13
N ASP A 206 -0.38 -7.30 42.16
CA ASP A 206 -0.72 -7.08 40.76
C ASP A 206 -2.04 -7.72 40.36
N THR A 207 -2.25 -8.97 40.78
CA THR A 207 -3.50 -9.66 40.47
C THR A 207 -4.68 -8.93 41.11
N GLU A 208 -4.51 -8.49 42.36
CA GLU A 208 -5.52 -7.72 43.06
C GLU A 208 -5.93 -6.48 42.29
N ARG A 209 -4.95 -5.63 41.99
CA ARG A 209 -5.20 -4.40 41.24
C ARG A 209 -5.85 -4.70 39.89
N THR A 210 -5.37 -5.73 39.21
CA THR A 210 -5.87 -6.09 37.90
C THR A 210 -7.32 -6.55 37.95
N ALA A 211 -7.68 -7.33 38.97
CA ALA A 211 -9.06 -7.79 39.13
C ALA A 211 -9.97 -6.63 39.47
N VAL A 212 -9.47 -5.69 40.27
CA VAL A 212 -10.26 -4.52 40.63
C VAL A 212 -10.45 -3.63 39.40
N LEU A 213 -9.38 -3.42 38.65
CA LEU A 213 -9.44 -2.64 37.41
C LEU A 213 -10.41 -3.28 36.42
N PHE A 214 -10.33 -4.59 36.25
CA PHE A 214 -11.21 -5.29 35.33
C PHE A 214 -12.67 -5.08 35.73
N CYS A 215 -12.96 -5.28 37.02
CA CYS A 215 -14.32 -5.13 37.53
C CYS A 215 -14.82 -3.70 37.36
N GLU A 216 -13.94 -2.72 37.54
CA GLU A 216 -14.31 -1.32 37.39
C GLU A 216 -14.72 -1.00 35.96
N ILE A 217 -13.88 -1.42 35.01
CA ILE A 217 -14.14 -1.16 33.60
C ILE A 217 -15.49 -1.74 33.19
N VAL A 218 -15.73 -3.00 33.56
CA VAL A 218 -17.00 -3.65 33.25
C VAL A 218 -18.17 -2.90 33.89
N ASN A 219 -18.08 -2.68 35.20
CA ASN A 219 -19.12 -1.95 35.92
C ASN A 219 -19.36 -0.55 35.36
N ARG A 220 -18.28 0.20 35.15
CA ARG A 220 -18.41 1.51 34.54
C ARG A 220 -19.20 1.45 33.23
N TRP A 221 -18.88 0.48 32.39
CA TRP A 221 -19.64 0.28 31.15
C TRP A 221 -21.12 0.07 31.45
N LYS A 222 -21.40 -0.58 32.58
CA LYS A 222 -22.78 -0.83 32.99
C LYS A 222 -23.42 0.48 33.45
N ARG A 223 -22.70 1.20 34.32
CA ARG A 223 -23.19 2.47 34.87
C ARG A 223 -23.49 3.49 33.76
N LEU A 224 -22.80 3.35 32.64
CA LEU A 224 -22.98 4.29 31.53
C LEU A 224 -24.09 3.84 30.58
N GLY A 225 -24.69 2.70 30.88
CA GLY A 225 -25.79 2.20 30.08
C GLY A 225 -25.36 1.45 28.84
N GLY A 226 -24.06 1.16 28.74
CA GLY A 226 -23.54 0.37 27.65
C GLY A 226 -24.04 -1.07 27.72
N TRP A 227 -24.43 -1.49 28.92
CA TRP A 227 -24.91 -2.85 29.15
C TRP A 227 -26.04 -2.84 30.18
N PRO A 228 -27.08 -3.67 29.97
CA PRO A 228 -27.25 -4.60 28.84
C PRO A 228 -27.46 -3.86 27.53
N LEU A 229 -27.73 -4.62 26.46
CA LEU A 229 -27.83 -4.05 25.12
C LEU A 229 -29.28 -3.68 24.78
N ASN B 24 -1.38 15.40 9.23
CA ASN B 24 -0.71 15.19 10.51
C ASN B 24 -1.71 15.16 11.66
N ALA B 25 -2.77 15.96 11.54
CA ALA B 25 -3.76 16.10 12.60
C ALA B 25 -4.47 14.80 12.97
N GLN B 26 -5.01 14.10 11.96
CA GLN B 26 -5.82 12.91 12.20
C GLN B 26 -5.02 11.79 12.84
N LEU B 27 -3.71 11.76 12.61
CA LEU B 27 -2.86 10.72 13.16
C LEU B 27 -2.45 10.98 14.61
N THR B 28 -2.24 12.25 14.96
CA THR B 28 -1.94 12.59 16.34
C THR B 28 -3.20 12.41 17.22
N GLY B 29 -4.34 12.92 16.76
CA GLY B 29 -5.60 12.73 17.44
C GLY B 29 -5.80 11.25 17.73
N LEU B 30 -5.79 10.44 16.68
CA LEU B 30 -5.87 9.00 16.82
C LEU B 30 -4.87 8.49 17.84
N CYS B 31 -3.59 8.80 17.62
CA CYS B 31 -2.54 8.28 18.50
C CYS B 31 -2.75 8.76 19.91
N ASP B 32 -3.22 10.01 20.03
CA ASP B 32 -3.44 10.65 21.33
C ASP B 32 -4.49 9.91 22.14
N ARG B 33 -5.46 9.32 21.44
CA ARG B 33 -6.53 8.56 22.08
C ARG B 33 -5.98 7.32 22.80
N PHE B 34 -4.80 6.87 22.40
CA PHE B 34 -4.21 5.65 22.95
C PHE B 34 -2.78 5.87 23.42
N ARG B 35 -2.55 6.99 24.08
CA ARG B 35 -1.24 7.35 24.61
C ARG B 35 -0.09 7.02 23.64
N GLY B 36 -0.19 7.54 22.42
CA GLY B 36 0.90 7.39 21.46
C GLY B 36 0.76 6.22 20.51
N PHE B 37 -0.02 5.21 20.89
CA PHE B 37 -0.20 4.02 20.07
C PHE B 37 -0.95 4.29 18.78
N TYR B 38 -0.37 3.81 17.68
CA TYR B 38 -1.00 3.94 16.36
C TYR B 38 -1.61 2.59 15.99
N PRO B 39 -2.93 2.45 16.20
CA PRO B 39 -3.62 1.17 16.04
C PRO B 39 -3.76 0.75 14.58
N VAL B 40 -3.25 -0.43 14.26
CA VAL B 40 -3.39 -0.97 12.92
C VAL B 40 -4.08 -2.34 12.97
N VAL B 41 -5.18 -2.46 12.25
CA VAL B 41 -5.93 -3.70 12.22
C VAL B 41 -5.22 -4.70 11.31
N ILE B 42 -5.05 -5.91 11.81
CA ILE B 42 -4.35 -6.95 11.07
C ILE B 42 -5.14 -8.25 11.10
N ASP B 43 -5.18 -8.92 9.97
CA ASP B 43 -5.67 -10.30 9.93
C ASP B 43 -4.75 -11.13 9.04
N VAL B 44 -4.35 -12.30 9.53
CA VAL B 44 -3.55 -13.22 8.71
C VAL B 44 -4.32 -14.52 8.42
N GLU B 45 -3.96 -15.16 7.32
CA GLU B 45 -4.37 -16.53 7.06
C GLU B 45 -3.11 -17.37 7.11
N THR B 46 -3.23 -18.60 7.62
CA THR B 46 -2.06 -19.44 7.84
C THR B 46 -2.32 -20.88 7.42
N ALA B 47 -1.27 -21.70 7.49
CA ALA B 47 -1.40 -23.12 7.16
C ALA B 47 -1.50 -23.98 8.43
N GLY B 48 -1.76 -23.32 9.55
CA GLY B 48 -1.89 -24.02 10.83
C GLY B 48 -1.89 -23.08 12.02
N PHE B 49 -1.74 -23.65 13.21
CA PHE B 49 -1.80 -22.86 14.44
C PHE B 49 -0.45 -22.57 15.06
N ASN B 50 0.61 -23.19 14.55
CA ASN B 50 1.95 -22.94 15.09
C ASN B 50 2.68 -21.84 14.32
N ALA B 51 2.80 -20.67 14.93
CA ALA B 51 3.40 -19.51 14.28
C ALA B 51 4.86 -19.75 13.91
N LYS B 52 5.53 -20.58 14.70
CA LYS B 52 6.93 -20.93 14.47
C LYS B 52 7.15 -21.85 13.27
N THR B 53 6.23 -22.78 13.04
CA THR B 53 6.48 -23.85 12.08
C THR B 53 5.48 -23.96 10.93
N ASP B 54 4.32 -23.33 11.06
CA ASP B 54 3.32 -23.41 10.00
C ASP B 54 3.39 -22.19 9.08
N ALA B 55 2.94 -22.37 7.84
CA ALA B 55 3.05 -21.32 6.83
C ALA B 55 2.12 -20.15 7.07
N LEU B 56 2.65 -18.94 6.89
CA LEU B 56 1.83 -17.75 6.76
C LEU B 56 1.39 -17.68 5.30
N LEU B 57 0.09 -17.50 5.07
CA LEU B 57 -0.42 -17.56 3.70
C LEU B 57 -1.02 -16.25 3.20
N GLU B 58 -1.36 -15.35 4.12
CA GLU B 58 -2.09 -14.15 3.74
C GLU B 58 -2.10 -13.12 4.84
N ILE B 59 -2.02 -11.85 4.45
CA ILE B 59 -2.06 -10.78 5.43
C ILE B 59 -2.69 -9.51 4.86
N ALA B 60 -3.58 -8.91 5.65
CA ALA B 60 -4.20 -7.65 5.31
C ALA B 60 -4.02 -6.70 6.48
N ALA B 61 -3.92 -5.41 6.18
CA ALA B 61 -3.67 -4.40 7.20
C ALA B 61 -4.54 -3.20 6.92
N ILE B 62 -5.20 -2.69 7.96
CA ILE B 62 -6.00 -1.49 7.79
C ILE B 62 -5.62 -0.45 8.84
N THR B 63 -5.16 0.70 8.37
CA THR B 63 -4.87 1.81 9.25
C THR B 63 -6.15 2.54 9.59
N LEU B 64 -6.11 3.36 10.64
CA LEU B 64 -7.28 4.08 11.09
C LEU B 64 -7.01 5.57 11.13
N LYS B 65 -8.06 6.36 11.32
CA LYS B 65 -7.92 7.80 11.43
C LYS B 65 -9.05 8.36 12.29
N MET B 66 -8.80 9.54 12.86
CA MET B 66 -9.80 10.23 13.68
C MET B 66 -10.17 11.55 13.02
N ASP B 67 -11.47 11.74 12.77
CA ASP B 67 -11.94 12.97 12.15
C ASP B 67 -11.99 14.12 13.17
N GLU B 68 -12.32 15.30 12.68
CA GLU B 68 -12.38 16.50 13.51
C GLU B 68 -13.36 16.41 14.68
N GLN B 69 -14.36 15.55 14.56
CA GLN B 69 -15.35 15.36 15.62
C GLN B 69 -14.88 14.35 16.67
N GLY B 70 -13.75 13.70 16.40
CA GLY B 70 -13.18 12.77 17.34
C GLY B 70 -13.64 11.34 17.13
N TRP B 71 -14.22 11.07 15.97
CA TRP B 71 -14.66 9.72 15.64
C TRP B 71 -13.56 8.93 14.94
N LEU B 72 -13.59 7.61 15.13
CA LEU B 72 -12.60 6.71 14.55
C LEU B 72 -13.16 6.08 13.28
N MET B 73 -12.29 5.87 12.29
CA MET B 73 -12.71 5.18 11.07
C MET B 73 -11.52 4.60 10.32
N PRO B 74 -11.79 3.61 9.46
CA PRO B 74 -10.74 3.01 8.63
C PRO B 74 -10.12 4.00 7.64
N ASP B 75 -8.81 3.91 7.47
CA ASP B 75 -8.07 4.80 6.59
C ASP B 75 -7.53 4.05 5.37
N THR B 76 -6.32 3.51 5.51
CA THR B 76 -5.65 2.81 4.42
C THR B 76 -5.84 1.30 4.50
N THR B 77 -5.81 0.63 3.36
CA THR B 77 -5.90 -0.83 3.29
C THR B 77 -4.86 -1.42 2.36
N LEU B 78 -4.05 -2.35 2.86
CA LEU B 78 -3.25 -3.17 1.96
C LEU B 78 -3.41 -4.67 2.24
N HIS B 79 -3.04 -5.48 1.26
CA HIS B 79 -3.31 -6.90 1.29
C HIS B 79 -2.27 -7.65 0.46
N PHE B 80 -1.75 -8.73 1.02
CA PHE B 80 -0.80 -9.57 0.30
C PHE B 80 -1.12 -11.05 0.56
N HIS B 81 -1.08 -11.84 -0.51
CA HIS B 81 -0.97 -13.28 -0.35
C HIS B 81 0.50 -13.58 -0.15
N VAL B 82 0.79 -14.54 0.72
CA VAL B 82 2.17 -14.83 1.08
C VAL B 82 2.55 -16.25 0.71
N GLU B 83 3.72 -16.40 0.11
CA GLU B 83 4.24 -17.71 -0.28
C GLU B 83 4.79 -18.42 0.96
N PRO B 84 4.42 -19.71 1.11
CA PRO B 84 4.95 -20.51 2.22
C PRO B 84 6.46 -20.39 2.30
N PHE B 85 6.99 -20.01 3.47
CA PHE B 85 8.43 -19.95 3.63
C PHE B 85 9.01 -21.36 3.50
N VAL B 86 10.29 -21.46 3.17
CA VAL B 86 10.91 -22.78 2.98
C VAL B 86 11.04 -23.54 4.28
N GLY B 87 10.35 -24.66 4.38
CA GLY B 87 10.36 -25.47 5.58
C GLY B 87 9.01 -25.48 6.26
N ALA B 88 8.13 -24.57 5.82
CA ALA B 88 6.81 -24.44 6.41
C ALA B 88 6.00 -25.73 6.28
N ASN B 89 5.24 -26.04 7.31
CA ASN B 89 4.26 -27.11 7.23
C ASN B 89 2.91 -26.54 6.81
N LEU B 90 2.10 -27.35 6.16
CA LEU B 90 0.76 -26.94 5.82
C LEU B 90 -0.26 -27.97 6.29
N GLN B 91 -1.16 -27.53 7.17
CA GLN B 91 -2.21 -28.40 7.66
C GLN B 91 -3.39 -28.32 6.72
N PRO B 92 -3.77 -29.47 6.13
CA PRO B 92 -4.90 -29.55 5.18
C PRO B 92 -6.17 -29.03 5.82
N GLU B 93 -6.31 -29.20 7.13
CA GLU B 93 -7.46 -28.68 7.86
C GLU B 93 -7.45 -27.16 7.82
N ALA B 94 -6.26 -26.58 7.93
CA ALA B 94 -6.11 -25.13 7.81
C ALA B 94 -6.50 -24.68 6.40
N LEU B 95 -5.95 -25.35 5.40
CA LEU B 95 -6.28 -25.05 4.01
C LEU B 95 -7.74 -25.31 3.70
N ALA B 96 -8.25 -26.43 4.23
CA ALA B 96 -9.66 -26.75 4.08
C ALA B 96 -10.51 -25.64 4.69
N PHE B 97 -10.00 -25.06 5.76
CA PHE B 97 -10.71 -24.03 6.51
C PHE B 97 -10.75 -22.70 5.76
N ASN B 98 -9.62 -22.28 5.20
CA ASN B 98 -9.54 -20.98 4.56
C ASN B 98 -9.68 -21.02 3.02
N GLY B 99 -9.47 -22.19 2.43
CA GLY B 99 -9.66 -22.38 1.01
C GLY B 99 -8.48 -22.02 0.12
N ILE B 100 -7.31 -21.86 0.72
CA ILE B 100 -6.13 -21.38 -0.01
C ILE B 100 -5.26 -22.51 -0.58
N ASP B 101 -4.92 -22.39 -1.86
CA ASP B 101 -3.98 -23.32 -2.48
C ASP B 101 -2.64 -22.65 -2.75
N PRO B 102 -1.64 -22.95 -1.91
CA PRO B 102 -0.28 -22.39 -1.94
C PRO B 102 0.46 -22.72 -3.22
N ASN B 103 -0.09 -23.64 -4.02
CA ASN B 103 0.54 -24.02 -5.27
C ASN B 103 -0.07 -23.29 -6.47
N ASP B 104 -1.32 -22.87 -6.32
CA ASP B 104 -2.00 -22.05 -7.32
C ASP B 104 -1.07 -20.98 -7.86
N PRO B 105 -0.80 -21.03 -9.18
CA PRO B 105 0.19 -20.17 -9.85
C PRO B 105 -0.24 -18.71 -9.95
N ASP B 106 -1.55 -18.46 -9.95
CA ASP B 106 -2.06 -17.10 -10.11
C ASP B 106 -2.47 -16.45 -8.80
N ARG B 107 -1.90 -16.92 -7.68
CA ARG B 107 -2.15 -16.29 -6.38
C ARG B 107 -1.53 -14.91 -6.33
N GLY B 108 -0.36 -14.76 -6.93
CA GLY B 108 0.39 -13.53 -6.83
C GLY B 108 1.05 -13.44 -5.46
N ALA B 109 1.36 -14.60 -4.90
CA ALA B 109 1.98 -14.67 -3.58
C ALA B 109 3.37 -14.05 -3.56
N VAL B 110 3.64 -13.27 -2.52
CA VAL B 110 4.95 -12.65 -2.34
C VAL B 110 5.63 -13.25 -1.11
N SER B 111 6.91 -12.97 -0.95
CA SER B 111 7.64 -13.46 0.23
C SER B 111 7.09 -12.78 1.49
N GLY B 112 7.32 -13.41 2.64
CA GLY B 112 6.92 -12.82 3.91
C GLY B 112 7.68 -11.53 4.16
N TYR B 113 8.94 -11.49 3.74
CA TYR B 113 9.71 -10.26 3.82
C TYR B 113 9.05 -9.13 3.05
N GLU B 114 8.55 -9.45 1.86
CA GLU B 114 7.97 -8.43 0.99
C GLU B 114 6.64 -7.88 1.53
N ALA B 115 5.76 -8.77 1.96
CA ALA B 115 4.47 -8.35 2.49
C ALA B 115 4.69 -7.46 3.72
N LEU B 116 5.48 -7.94 4.67
CA LEU B 116 5.73 -7.20 5.90
C LEU B 116 6.45 -5.88 5.65
N HIS B 117 7.49 -5.91 4.83
CA HIS B 117 8.25 -4.71 4.50
C HIS B 117 7.30 -3.63 3.96
N GLU B 118 6.43 -4.01 3.03
CA GLU B 118 5.48 -3.08 2.46
C GLU B 118 4.51 -2.52 3.50
N ILE B 119 4.02 -3.41 4.37
CA ILE B 119 3.14 -2.97 5.44
C ILE B 119 3.85 -2.10 6.46
N PHE B 120 5.06 -2.50 6.86
CA PHE B 120 5.82 -1.70 7.82
C PHE B 120 6.10 -0.29 7.26
N LYS B 121 6.41 -0.23 5.97
CA LYS B 121 6.71 1.03 5.31
C LYS B 121 5.55 2.01 5.50
N VAL B 122 4.34 1.54 5.22
CA VAL B 122 3.14 2.36 5.36
C VAL B 122 2.87 2.73 6.83
N VAL B 123 3.12 1.78 7.73
CA VAL B 123 2.90 2.04 9.15
C VAL B 123 3.92 3.04 9.70
N ARG B 124 5.19 2.84 9.38
CA ARG B 124 6.25 3.74 9.84
C ARG B 124 5.97 5.17 9.38
N LYS B 125 5.32 5.29 8.23
CA LYS B 125 4.92 6.58 7.71
C LYS B 125 3.90 7.25 8.62
N GLY B 126 3.05 6.42 9.23
CA GLY B 126 2.05 6.93 10.16
C GLY B 126 2.65 7.36 11.48
N ILE B 127 3.55 6.54 12.01
CA ILE B 127 4.22 6.82 13.28
C ILE B 127 4.98 8.16 13.23
N LYS B 128 5.35 8.57 12.01
CA LYS B 128 6.09 9.82 11.84
C LYS B 128 5.27 11.03 12.30
N ALA B 129 3.95 10.91 12.28
CA ALA B 129 3.10 11.96 12.81
C ALA B 129 3.55 12.30 14.23
N SER B 130 3.47 13.58 14.58
CA SER B 130 4.00 14.07 15.85
C SER B 130 3.47 13.30 17.06
N GLY B 131 2.18 13.06 17.09
CA GLY B 131 1.55 12.41 18.23
C GLY B 131 1.95 10.96 18.44
N CYS B 132 2.17 10.24 17.34
CA CYS B 132 2.41 8.80 17.41
C CYS B 132 3.87 8.49 17.70
N ASN B 133 4.10 7.35 18.35
CA ASN B 133 5.47 6.88 18.54
C ASN B 133 5.64 5.38 18.33
N ARG B 134 4.53 4.65 18.28
CA ARG B 134 4.59 3.21 18.05
C ARG B 134 3.24 2.68 17.57
N ALA B 135 3.28 1.67 16.73
CA ALA B 135 2.05 1.02 16.27
C ALA B 135 1.68 -0.11 17.23
N ILE B 136 0.39 -0.38 17.34
CA ILE B 136 -0.06 -1.52 18.10
C ILE B 136 -1.07 -2.26 17.25
N MET B 137 -0.94 -3.58 17.21
CA MET B 137 -1.80 -4.41 16.39
C MET B 137 -3.20 -4.60 16.97
N VAL B 138 -4.20 -4.34 16.14
CA VAL B 138 -5.58 -4.65 16.49
C VAL B 138 -5.96 -5.93 15.76
N ALA B 139 -6.48 -6.91 16.49
CA ALA B 139 -6.86 -8.17 15.88
C ALA B 139 -7.83 -8.95 16.74
N HIS B 140 -8.62 -9.81 16.11
CA HIS B 140 -9.55 -10.65 16.84
C HIS B 140 -8.84 -11.91 17.34
N ASN B 141 -8.76 -12.06 18.65
CA ASN B 141 -7.82 -13.03 19.23
C ASN B 141 -6.42 -12.65 18.79
N ALA B 142 -6.05 -11.40 19.11
CA ALA B 142 -4.86 -10.75 18.58
C ALA B 142 -3.57 -11.54 18.80
N ASN B 143 -3.50 -12.30 19.89
CA ASN B 143 -2.29 -13.08 20.15
C ASN B 143 -1.94 -14.02 19.00
N PHE B 144 -2.96 -14.57 18.35
CA PHE B 144 -2.72 -15.43 17.20
C PHE B 144 -2.01 -14.64 16.09
N ASP B 145 -2.64 -13.59 15.61
CA ASP B 145 -2.10 -12.80 14.50
C ASP B 145 -0.76 -12.17 14.86
N HIS B 146 -0.63 -11.72 16.10
CA HIS B 146 0.58 -11.06 16.54
C HIS B 146 1.77 -12.02 16.51
N SER B 147 1.55 -13.26 16.93
CA SER B 147 2.63 -14.25 16.97
C SER B 147 3.11 -14.61 15.56
N PHE B 148 2.16 -14.77 14.64
CA PHE B 148 2.53 -15.07 13.25
C PHE B 148 3.25 -13.88 12.59
N MET B 149 2.77 -12.68 12.87
CA MET B 149 3.40 -11.48 12.34
C MET B 149 4.84 -11.38 12.86
N MET B 150 5.01 -11.53 14.17
CA MET B 150 6.33 -11.45 14.79
C MET B 150 7.28 -12.56 14.31
N ALA B 151 6.73 -13.74 14.01
CA ALA B 151 7.55 -14.85 13.54
C ALA B 151 8.00 -14.67 12.09
N ALA B 152 7.11 -14.15 11.25
CA ALA B 152 7.46 -13.83 9.87
C ALA B 152 8.53 -12.74 9.84
N ALA B 153 8.38 -11.73 10.69
CA ALA B 153 9.36 -10.66 10.79
C ALA B 153 10.71 -11.21 11.23
N GLU B 154 10.66 -12.23 12.07
CA GLU B 154 11.85 -12.89 12.60
C GLU B 154 12.54 -13.71 11.51
N ARG B 155 11.75 -14.47 10.77
CA ARG B 155 12.25 -15.25 9.64
C ARG B 155 12.97 -14.33 8.67
N ALA B 156 12.36 -13.18 8.39
CA ALA B 156 12.89 -12.24 7.41
C ALA B 156 13.98 -11.33 7.97
N SER B 157 14.31 -11.50 9.24
CA SER B 157 15.34 -10.68 9.90
C SER B 157 15.05 -9.18 9.76
N LEU B 158 13.79 -8.80 9.90
CA LEU B 158 13.40 -7.41 9.76
C LEU B 158 13.66 -6.60 11.02
N LYS B 159 14.63 -5.70 10.97
CA LYS B 159 14.79 -4.67 11.99
C LYS B 159 13.63 -3.71 11.81
N ARG B 160 13.62 -2.64 12.57
CA ARG B 160 12.66 -1.57 12.35
C ARG B 160 11.23 -2.09 12.16
N ASN B 161 10.77 -2.86 13.14
CA ASN B 161 9.38 -3.29 13.21
C ASN B 161 8.60 -2.27 14.05
N PRO B 162 7.67 -1.55 13.41
CA PRO B 162 6.95 -0.45 14.07
C PRO B 162 5.94 -0.91 15.11
N PHE B 163 5.58 -2.19 15.13
CA PHE B 163 4.57 -2.69 16.06
C PHE B 163 5.15 -2.99 17.43
N HIS B 164 4.42 -2.62 18.47
CA HIS B 164 4.81 -2.95 19.84
C HIS B 164 5.06 -4.45 19.92
N PRO B 165 6.18 -4.84 20.52
CA PRO B 165 6.63 -6.24 20.51
C PRO B 165 5.80 -7.19 21.37
N PHE B 166 5.02 -6.68 22.31
CA PHE B 166 4.21 -7.57 23.13
C PHE B 166 2.77 -7.11 23.42
N ALA B 167 2.46 -5.86 23.08
CA ALA B 167 1.12 -5.33 23.36
C ALA B 167 0.21 -5.39 22.13
N THR B 168 -1.09 -5.57 22.37
CA THR B 168 -2.07 -5.59 21.29
C THR B 168 -3.42 -5.03 21.75
N PHE B 169 -4.30 -4.75 20.78
CA PHE B 169 -5.70 -4.50 21.07
C PHE B 169 -6.53 -5.66 20.51
N ASP B 170 -6.92 -6.57 21.40
CA ASP B 170 -7.69 -7.74 21.01
C ASP B 170 -9.19 -7.43 20.93
N THR B 171 -9.76 -7.51 19.73
CA THR B 171 -11.19 -7.23 19.58
C THR B 171 -12.10 -8.27 20.23
N ALA B 172 -11.60 -9.48 20.45
CA ALA B 172 -12.37 -10.50 21.14
C ALA B 172 -12.62 -10.09 22.60
N ALA B 173 -11.60 -9.50 23.23
CA ALA B 173 -11.78 -8.99 24.59
C ALA B 173 -12.66 -7.74 24.59
N LEU B 174 -12.42 -6.83 23.63
CA LEU B 174 -13.18 -5.59 23.59
C LEU B 174 -14.65 -5.84 23.27
N ALA B 175 -14.92 -6.84 22.43
CA ALA B 175 -16.29 -7.23 22.10
C ALA B 175 -16.95 -7.94 23.28
N GLY B 176 -16.14 -8.63 24.07
CA GLY B 176 -16.65 -9.31 25.25
C GLY B 176 -17.23 -8.28 26.20
N LEU B 177 -16.46 -7.23 26.42
CA LEU B 177 -16.87 -6.13 27.29
C LEU B 177 -18.04 -5.35 26.69
N ALA B 178 -17.83 -4.87 25.46
CA ALA B 178 -18.78 -3.95 24.84
C ALA B 178 -20.10 -4.63 24.46
N LEU B 179 -20.02 -5.90 24.07
CA LEU B 179 -21.16 -6.55 23.44
C LEU B 179 -21.55 -7.88 24.07
N GLY B 180 -20.68 -8.42 24.93
CA GLY B 180 -20.93 -9.72 25.53
C GLY B 180 -20.70 -10.87 24.56
N GLN B 181 -20.02 -10.58 23.46
CA GLN B 181 -19.72 -11.59 22.45
C GLN B 181 -18.23 -11.62 22.19
N THR B 182 -17.67 -12.82 21.98
CA THR B 182 -16.25 -12.94 21.70
C THR B 182 -15.96 -13.43 20.29
N VAL B 183 -16.95 -14.04 19.65
CA VAL B 183 -16.79 -14.57 18.29
C VAL B 183 -16.97 -13.45 17.28
N LEU B 184 -16.09 -13.37 16.29
CA LEU B 184 -16.09 -12.25 15.36
C LEU B 184 -17.47 -12.02 14.72
N SER B 185 -18.01 -13.05 14.08
CA SER B 185 -19.32 -12.94 13.43
C SER B 185 -20.40 -12.52 14.43
N LYS B 186 -20.44 -13.17 15.58
CA LYS B 186 -21.44 -12.88 16.60
C LYS B 186 -21.37 -11.45 17.08
N ALA B 187 -20.15 -10.99 17.38
CA ALA B 187 -19.93 -9.63 17.83
C ALA B 187 -20.38 -8.61 16.78
N CYS B 188 -19.99 -8.84 15.52
CA CYS B 188 -20.36 -7.93 14.44
C CYS B 188 -21.88 -7.86 14.26
N GLN B 189 -22.54 -9.01 14.20
CA GLN B 189 -23.99 -9.04 14.13
C GLN B 189 -24.58 -8.31 15.33
N THR B 190 -24.13 -8.71 16.53
CA THR B 190 -24.63 -8.11 17.77
C THR B 190 -24.39 -6.61 17.82
N ALA B 191 -23.42 -6.14 17.04
CA ALA B 191 -23.06 -4.72 17.03
C ALA B 191 -23.96 -3.91 16.10
N GLY B 192 -24.62 -4.59 15.17
CA GLY B 192 -25.46 -3.91 14.20
C GLY B 192 -24.86 -3.91 12.81
N MET B 193 -23.67 -4.47 12.69
CA MET B 193 -22.98 -4.55 11.41
C MET B 193 -23.46 -5.75 10.61
N ASP B 194 -23.36 -5.66 9.29
CA ASP B 194 -23.60 -6.80 8.42
C ASP B 194 -22.39 -7.71 8.47
N PHE B 195 -22.64 -9.02 8.54
CA PHE B 195 -21.56 -10.00 8.45
C PHE B 195 -21.96 -11.09 7.48
N ASP B 196 -21.05 -11.45 6.59
CA ASP B 196 -21.33 -12.42 5.55
C ASP B 196 -20.42 -13.63 5.68
N SER B 197 -20.94 -14.68 6.31
CA SER B 197 -20.19 -15.92 6.50
C SER B 197 -19.60 -16.45 5.19
N THR B 198 -20.17 -16.00 4.08
CA THR B 198 -19.67 -16.35 2.75
C THR B 198 -18.25 -15.83 2.56
N GLN B 199 -18.04 -14.58 2.93
CA GLN B 199 -16.75 -13.92 2.71
C GLN B 199 -15.83 -14.01 3.92
N ALA B 200 -16.32 -14.59 5.01
CA ALA B 200 -15.52 -14.72 6.21
C ALA B 200 -14.35 -15.68 6.02
N HIS B 201 -13.36 -15.59 6.90
CA HIS B 201 -12.17 -16.43 6.84
C HIS B 201 -11.29 -16.07 5.65
N SER B 202 -11.51 -14.86 5.12
CA SER B 202 -10.61 -14.29 4.13
C SER B 202 -9.96 -13.07 4.76
N ALA B 203 -8.70 -12.81 4.43
CA ALA B 203 -7.94 -11.75 5.09
C ALA B 203 -8.61 -10.38 4.94
N LEU B 204 -8.84 -9.98 3.69
CA LEU B 204 -9.42 -8.68 3.40
C LEU B 204 -10.74 -8.45 4.15
N TYR B 205 -11.69 -9.36 3.96
CA TYR B 205 -13.00 -9.24 4.56
C TYR B 205 -12.91 -9.21 6.08
N ASP B 206 -12.22 -10.20 6.65
CA ASP B 206 -12.07 -10.26 8.10
C ASP B 206 -11.41 -9.02 8.69
N THR B 207 -10.31 -8.56 8.09
CA THR B 207 -9.66 -7.36 8.57
C THR B 207 -10.66 -6.21 8.55
N GLU B 208 -11.46 -6.18 7.48
CA GLU B 208 -12.41 -5.10 7.26
C GLU B 208 -13.54 -5.10 8.30
N ARG B 209 -14.17 -6.24 8.51
CA ARG B 209 -15.18 -6.35 9.57
C ARG B 209 -14.56 -6.03 10.94
N THR B 210 -13.32 -6.49 11.14
CA THR B 210 -12.64 -6.30 12.41
C THR B 210 -12.34 -4.83 12.67
N ALA B 211 -11.94 -4.10 11.63
CA ALA B 211 -11.64 -2.68 11.76
C ALA B 211 -12.91 -1.88 12.05
N VAL B 212 -13.99 -2.23 11.37
CA VAL B 212 -15.26 -1.54 11.59
C VAL B 212 -15.82 -1.83 12.99
N LEU B 213 -15.60 -3.05 13.46
CA LEU B 213 -16.03 -3.46 14.81
C LEU B 213 -15.24 -2.72 15.89
N PHE B 214 -13.94 -2.54 15.66
CA PHE B 214 -13.10 -1.83 16.62
C PHE B 214 -13.50 -0.37 16.70
N CYS B 215 -13.66 0.26 15.53
CA CYS B 215 -14.06 1.66 15.45
C CYS B 215 -15.40 1.90 16.14
N GLU B 216 -16.34 0.98 15.94
CA GLU B 216 -17.66 1.09 16.54
C GLU B 216 -17.60 1.03 18.06
N ILE B 217 -16.84 0.08 18.60
CA ILE B 217 -16.75 -0.07 20.04
C ILE B 217 -16.16 1.19 20.66
N VAL B 218 -15.13 1.72 20.02
CA VAL B 218 -14.51 2.97 20.47
C VAL B 218 -15.51 4.12 20.38
N ASN B 219 -16.16 4.23 19.22
CA ASN B 219 -17.14 5.30 19.00
C ASN B 219 -18.33 5.21 19.95
N ARG B 220 -18.90 4.01 20.06
CA ARG B 220 -19.98 3.77 20.99
C ARG B 220 -19.58 4.22 22.40
N TRP B 221 -18.35 3.90 22.78
CA TRP B 221 -17.84 4.30 24.09
C TRP B 221 -17.90 5.82 24.23
N LYS B 222 -17.49 6.51 23.17
CA LYS B 222 -17.50 7.96 23.16
C LYS B 222 -18.93 8.49 23.23
N ARG B 223 -19.82 7.86 22.48
CA ARG B 223 -21.19 8.34 22.36
C ARG B 223 -22.03 8.14 23.64
N LEU B 224 -21.56 7.27 24.52
CA LEU B 224 -22.23 7.04 25.79
C LEU B 224 -21.61 7.86 26.92
N GLY B 225 -20.58 8.63 26.59
CA GLY B 225 -19.97 9.54 27.56
C GLY B 225 -18.86 8.95 28.40
N GLY B 226 -18.33 7.80 27.98
CA GLY B 226 -17.21 7.19 28.68
C GLY B 226 -15.91 7.86 28.30
N TRP B 227 -15.94 8.62 27.21
CA TRP B 227 -14.77 9.32 26.73
C TRP B 227 -15.19 10.63 26.08
N PRO B 228 -14.44 11.72 26.35
CA PRO B 228 -13.25 11.77 27.20
C PRO B 228 -13.59 11.53 28.67
N LEU B 229 -12.57 11.50 29.52
CA LEU B 229 -12.76 11.26 30.93
C LEU B 229 -13.40 12.48 31.61
N SER B 230 -13.30 13.63 30.96
CA SER B 230 -13.90 14.86 31.45
C SER B 230 -15.41 14.88 31.17
N GLN C 26 1.46 -17.35 -27.15
CA GLN C 26 0.21 -17.85 -26.61
C GLN C 26 -0.92 -17.81 -27.63
N LEU C 27 -2.11 -18.22 -27.20
CA LEU C 27 -3.30 -18.18 -28.06
C LEU C 27 -4.12 -16.93 -27.79
N THR C 28 -3.67 -16.13 -26.82
CA THR C 28 -4.33 -14.87 -26.49
C THR C 28 -3.90 -13.79 -27.48
N GLY C 29 -4.67 -12.71 -27.52
CA GLY C 29 -4.41 -11.63 -28.47
C GLY C 29 -3.50 -10.54 -27.94
N LEU C 30 -2.70 -10.85 -26.91
CA LEU C 30 -1.84 -9.84 -26.31
C LEU C 30 -0.84 -9.23 -27.29
N CYS C 31 -0.18 -10.09 -28.06
CA CYS C 31 0.87 -9.61 -28.96
C CYS C 31 0.29 -9.19 -30.30
N ASP C 32 -1.03 -9.21 -30.40
CA ASP C 32 -1.73 -8.71 -31.58
C ASP C 32 -2.33 -7.34 -31.28
N ARG C 33 -2.59 -7.08 -30.01
CA ARG C 33 -3.25 -5.84 -29.61
C ARG C 33 -2.38 -4.62 -29.88
N PHE C 34 -1.07 -4.77 -29.73
CA PHE C 34 -0.16 -3.65 -29.97
C PHE C 34 0.92 -3.99 -30.99
N ARG C 35 0.50 -4.52 -32.13
CA ARG C 35 1.42 -4.87 -33.22
C ARG C 35 2.70 -5.53 -32.71
N GLY C 36 2.57 -6.43 -31.74
CA GLY C 36 3.68 -7.21 -31.26
C GLY C 36 4.44 -6.62 -30.08
N PHE C 37 3.96 -5.47 -29.58
CA PHE C 37 4.56 -4.87 -28.39
C PHE C 37 4.08 -5.57 -27.13
N TYR C 38 5.03 -5.89 -26.24
CA TYR C 38 4.73 -6.56 -24.99
C TYR C 38 4.78 -5.54 -23.84
N PRO C 39 3.61 -5.05 -23.42
CA PRO C 39 3.52 -3.97 -22.44
C PRO C 39 3.98 -4.40 -21.05
N VAL C 40 4.93 -3.65 -20.50
CA VAL C 40 5.38 -3.90 -19.14
C VAL C 40 5.29 -2.61 -18.35
N VAL C 41 4.52 -2.64 -17.27
CA VAL C 41 4.36 -1.44 -16.46
C VAL C 41 5.54 -1.29 -15.53
N ILE C 42 6.06 -0.06 -15.45
CA ILE C 42 7.25 0.22 -14.68
C ILE C 42 7.06 1.48 -13.86
N ASP C 43 7.42 1.40 -12.58
CA ASP C 43 7.59 2.62 -11.80
C ASP C 43 8.93 2.65 -11.11
N VAL C 44 9.45 3.85 -10.96
CA VAL C 44 10.79 4.03 -10.42
C VAL C 44 10.77 5.09 -9.31
N GLU C 45 11.43 4.80 -8.19
CA GLU C 45 11.67 5.81 -7.18
C GLU C 45 13.15 6.17 -7.19
N THR C 46 13.45 7.45 -6.98
CA THR C 46 14.80 7.96 -7.23
C THR C 46 15.23 8.99 -6.20
N ALA C 47 16.49 9.37 -6.24
CA ALA C 47 17.01 10.41 -5.35
C ALA C 47 17.20 11.75 -6.08
N GLY C 48 16.32 12.03 -7.04
CA GLY C 48 16.39 13.27 -7.80
C GLY C 48 15.81 13.15 -9.20
N PHE C 49 15.71 14.27 -9.90
CA PHE C 49 15.07 14.29 -11.23
C PHE C 49 16.00 13.94 -12.39
N ASN C 50 17.31 13.91 -12.16
CA ASN C 50 18.27 13.70 -13.24
C ASN C 50 18.70 12.24 -13.42
N ALA C 51 18.22 11.61 -14.48
CA ALA C 51 18.49 10.20 -14.72
C ALA C 51 19.97 9.86 -14.73
N LYS C 52 20.79 10.82 -15.17
CA LYS C 52 22.21 10.57 -15.37
C LYS C 52 23.04 10.64 -14.09
N THR C 53 22.64 11.53 -13.18
CA THR C 53 23.44 11.82 -12.00
C THR C 53 22.81 11.39 -10.67
N ASP C 54 21.48 11.25 -10.65
CA ASP C 54 20.76 10.94 -9.42
C ASP C 54 20.48 9.44 -9.24
N ALA C 55 20.50 8.99 -7.99
CA ALA C 55 20.40 7.56 -7.70
C ALA C 55 19.05 6.95 -8.08
N LEU C 56 19.10 5.70 -8.55
CA LEU C 56 17.93 4.85 -8.66
C LEU C 56 17.75 4.10 -7.35
N LEU C 57 16.65 4.34 -6.67
CA LEU C 57 16.46 3.79 -5.33
C LEU C 57 15.55 2.57 -5.29
N GLU C 58 14.67 2.44 -6.28
CA GLU C 58 13.65 1.40 -6.26
C GLU C 58 12.95 1.26 -7.61
N ILE C 59 12.57 0.03 -7.94
CA ILE C 59 11.88 -0.24 -9.18
C ILE C 59 10.91 -1.40 -9.05
N ALA C 60 9.77 -1.28 -9.71
CA ALA C 60 8.78 -2.34 -9.75
C ALA C 60 8.33 -2.53 -11.19
N ALA C 61 7.90 -3.74 -11.51
CA ALA C 61 7.58 -4.09 -12.87
C ALA C 61 6.47 -5.12 -12.87
N ILE C 62 5.40 -4.81 -13.61
CA ILE C 62 4.26 -5.70 -13.71
C ILE C 62 4.01 -6.02 -15.17
N THR C 63 4.08 -7.29 -15.53
CA THR C 63 3.77 -7.70 -16.90
C THR C 63 2.26 -7.86 -17.02
N LEU C 64 1.75 -7.79 -18.24
CA LEU C 64 0.33 -7.94 -18.45
C LEU C 64 0.02 -9.19 -19.25
N LYS C 65 -1.22 -9.63 -19.16
CA LYS C 65 -1.71 -10.73 -19.98
C LYS C 65 -3.14 -10.41 -20.43
N MET C 66 -3.61 -11.14 -21.41
CA MET C 66 -4.95 -10.94 -21.93
C MET C 66 -5.73 -12.24 -21.73
N ASP C 67 -6.93 -12.15 -21.18
CA ASP C 67 -7.72 -13.37 -20.98
C ASP C 67 -8.43 -13.80 -22.26
N GLU C 68 -9.07 -14.96 -22.20
CA GLU C 68 -9.67 -15.58 -23.38
C GLU C 68 -10.57 -14.65 -24.19
N GLN C 69 -11.41 -13.88 -23.51
CA GLN C 69 -12.29 -12.95 -24.20
C GLN C 69 -11.69 -11.54 -24.36
N GLY C 70 -10.37 -11.47 -24.37
CA GLY C 70 -9.66 -10.27 -24.80
C GLY C 70 -9.55 -9.11 -23.83
N TRP C 71 -9.77 -9.35 -22.54
CA TRP C 71 -9.58 -8.33 -21.53
C TRP C 71 -8.15 -8.34 -20.99
N LEU C 72 -7.61 -7.16 -20.74
CA LEU C 72 -6.23 -7.02 -20.29
C LEU C 72 -6.18 -6.95 -18.77
N MET C 73 -5.15 -7.58 -18.18
CA MET C 73 -5.00 -7.62 -16.72
C MET C 73 -3.55 -7.92 -16.35
N PRO C 74 -3.16 -7.56 -15.11
CA PRO C 74 -1.80 -7.80 -14.63
C PRO C 74 -1.45 -9.30 -14.60
N ASP C 75 -0.19 -9.60 -14.87
CA ASP C 75 0.30 -10.96 -14.86
C ASP C 75 1.36 -11.11 -13.76
N THR C 76 2.62 -10.87 -14.08
CA THR C 76 3.72 -11.06 -13.13
C THR C 76 4.23 -9.73 -12.55
N THR C 77 4.48 -9.71 -11.24
CA THR C 77 5.02 -8.54 -10.55
C THR C 77 6.40 -8.81 -9.96
N LEU C 78 7.36 -7.93 -10.29
CA LEU C 78 8.68 -7.94 -9.66
C LEU C 78 8.89 -6.61 -8.96
N HIS C 79 9.63 -6.65 -7.84
CA HIS C 79 9.89 -5.45 -7.06
C HIS C 79 11.28 -5.47 -6.44
N PHE C 80 12.08 -4.44 -6.69
CA PHE C 80 13.43 -4.37 -6.13
C PHE C 80 13.74 -3.05 -5.47
N HIS C 81 14.54 -3.10 -4.41
CA HIS C 81 15.19 -1.91 -3.88
C HIS C 81 16.60 -1.85 -4.43
N VAL C 82 17.02 -0.66 -4.82
CA VAL C 82 18.29 -0.52 -5.54
C VAL C 82 19.29 0.31 -4.75
N GLU C 83 20.49 -0.23 -4.61
CA GLU C 83 21.59 0.51 -4.01
C GLU C 83 21.96 1.68 -4.91
N PRO C 84 22.21 2.85 -4.30
CA PRO C 84 22.68 4.03 -5.04
C PRO C 84 23.99 3.72 -5.75
N PHE C 85 24.02 3.84 -7.07
CA PHE C 85 25.25 3.55 -7.81
C PHE C 85 26.41 4.41 -7.33
N VAL C 86 27.63 3.92 -7.49
CA VAL C 86 28.82 4.64 -7.02
C VAL C 86 28.95 5.98 -7.75
N GLY C 87 29.00 7.06 -6.98
CA GLY C 87 29.13 8.39 -7.54
C GLY C 87 27.79 9.10 -7.66
N ALA C 88 26.72 8.37 -7.37
CA ALA C 88 25.37 8.90 -7.51
C ALA C 88 25.07 10.05 -6.56
N ASN C 89 24.35 11.04 -7.06
CA ASN C 89 23.86 12.14 -6.23
C ASN C 89 22.60 11.71 -5.48
N LEU C 90 22.27 12.43 -4.41
CA LEU C 90 21.09 12.11 -3.61
C LEU C 90 20.46 13.36 -3.04
N GLN C 91 19.46 13.89 -3.73
CA GLN C 91 18.79 15.10 -3.29
C GLN C 91 17.91 14.81 -2.07
N PRO C 92 18.11 15.59 -1.00
CA PRO C 92 17.35 15.43 0.24
C PRO C 92 15.84 15.62 0.03
N GLU C 93 15.46 16.62 -0.76
CA GLU C 93 14.05 16.86 -1.04
C GLU C 93 13.39 15.67 -1.70
N ALA C 94 14.14 14.95 -2.52
CA ALA C 94 13.63 13.76 -3.20
C ALA C 94 13.34 12.67 -2.18
N LEU C 95 14.27 12.47 -1.26
CA LEU C 95 14.12 11.50 -0.18
C LEU C 95 13.00 11.92 0.77
N ALA C 96 12.87 13.22 1.00
CA ALA C 96 11.77 13.74 1.79
C ALA C 96 10.46 13.42 1.09
N PHE C 97 10.45 13.55 -0.23
CA PHE C 97 9.23 13.35 -1.02
C PHE C 97 8.78 11.90 -1.06
N ASN C 98 9.72 10.98 -1.20
CA ASN C 98 9.38 9.56 -1.31
C ASN C 98 9.57 8.80 0.00
N GLY C 99 10.08 9.49 1.02
CA GLY C 99 10.22 8.91 2.34
C GLY C 99 11.21 7.76 2.43
N ILE C 100 12.04 7.60 1.40
CA ILE C 100 13.02 6.51 1.37
C ILE C 100 14.32 6.86 2.09
N ASP C 101 14.71 5.99 3.01
CA ASP C 101 16.02 6.06 3.65
C ASP C 101 16.96 5.05 3.01
N PRO C 102 17.93 5.54 2.22
CA PRO C 102 18.83 4.67 1.45
C PRO C 102 19.65 3.73 2.33
N ASN C 103 19.83 4.06 3.60
CA ASN C 103 20.61 3.20 4.50
C ASN C 103 19.80 2.37 5.50
N ASP C 104 18.51 2.24 5.23
CA ASP C 104 17.65 1.35 6.01
C ASP C 104 18.06 -0.10 5.72
N PRO C 105 18.35 -0.87 6.78
CA PRO C 105 18.80 -2.25 6.63
C PRO C 105 17.71 -3.20 6.14
N ASP C 106 16.45 -2.81 6.30
CA ASP C 106 15.33 -3.64 5.84
C ASP C 106 15.13 -3.54 4.34
N ARG C 107 15.77 -2.56 3.70
CA ARG C 107 15.59 -2.34 2.27
C ARG C 107 16.04 -3.52 1.40
N GLY C 108 17.04 -4.26 1.88
CA GLY C 108 17.57 -5.38 1.12
C GLY C 108 17.94 -4.95 -0.28
N ALA C 109 18.51 -3.76 -0.40
CA ALA C 109 18.88 -3.20 -1.69
C ALA C 109 19.86 -4.10 -2.44
N VAL C 110 19.67 -4.21 -3.74
CA VAL C 110 20.58 -4.92 -4.63
C VAL C 110 21.12 -3.91 -5.64
N SER C 111 22.07 -4.33 -6.48
CA SER C 111 22.66 -3.40 -7.44
C SER C 111 21.69 -3.14 -8.58
N GLY C 112 21.83 -1.98 -9.22
CA GLY C 112 21.09 -1.69 -10.44
C GLY C 112 21.18 -2.87 -11.38
N TYR C 113 22.38 -3.45 -11.47
CA TYR C 113 22.60 -4.59 -12.36
C TYR C 113 21.66 -5.77 -12.10
N GLU C 114 21.58 -6.22 -10.86
CA GLU C 114 20.78 -7.41 -10.57
C GLU C 114 19.28 -7.15 -10.62
N ALA C 115 18.87 -5.93 -10.30
CA ALA C 115 17.46 -5.57 -10.41
C ALA C 115 17.00 -5.63 -11.87
N LEU C 116 17.63 -4.80 -12.71
CA LEU C 116 17.29 -4.79 -14.13
C LEU C 116 17.52 -6.13 -14.80
N HIS C 117 18.59 -6.82 -14.41
CA HIS C 117 18.87 -8.13 -15.01
C HIS C 117 17.74 -9.13 -14.74
N GLU C 118 17.24 -9.13 -13.51
CA GLU C 118 16.15 -10.03 -13.16
C GLU C 118 14.87 -9.65 -13.91
N ILE C 119 14.58 -8.35 -13.95
CA ILE C 119 13.41 -7.86 -14.66
C ILE C 119 13.51 -8.21 -16.14
N PHE C 120 14.67 -7.96 -16.74
CA PHE C 120 14.83 -8.26 -18.17
C PHE C 120 14.63 -9.73 -18.46
N LYS C 121 15.06 -10.58 -17.54
CA LYS C 121 14.91 -12.03 -17.72
C LYS C 121 13.44 -12.39 -17.83
N VAL C 122 12.67 -11.98 -16.83
CA VAL C 122 11.24 -12.26 -16.79
C VAL C 122 10.52 -11.68 -18.00
N VAL C 123 10.92 -10.47 -18.39
CA VAL C 123 10.31 -9.82 -19.56
C VAL C 123 10.65 -10.56 -20.85
N ARG C 124 11.93 -10.89 -21.02
CA ARG C 124 12.37 -11.65 -22.20
C ARG C 124 11.62 -12.98 -22.29
N LYS C 125 11.47 -13.64 -21.16
CA LYS C 125 10.69 -14.87 -21.07
C LYS C 125 9.25 -14.63 -21.48
N GLY C 126 8.67 -13.53 -21.01
CA GLY C 126 7.30 -13.17 -21.33
C GLY C 126 7.09 -12.89 -22.80
N ILE C 127 8.04 -12.19 -23.42
CA ILE C 127 7.96 -11.87 -24.83
C ILE C 127 7.80 -13.13 -25.69
N LYS C 128 8.70 -14.09 -25.50
CA LYS C 128 8.69 -15.30 -26.34
C LYS C 128 7.49 -16.22 -26.07
N ALA C 129 7.09 -16.33 -24.79
CA ALA C 129 5.96 -17.18 -24.42
C ALA C 129 4.62 -16.69 -24.98
N SER C 130 4.52 -15.38 -25.23
CA SER C 130 3.30 -14.81 -25.76
C SER C 130 3.42 -14.53 -27.25
N GLY C 131 4.63 -14.63 -27.77
CA GLY C 131 4.89 -14.46 -29.19
C GLY C 131 5.07 -13.00 -29.61
N CYS C 132 5.44 -12.15 -28.66
CA CYS C 132 5.66 -10.75 -28.95
C CYS C 132 7.01 -10.51 -29.61
N ASN C 133 7.26 -9.26 -29.98
CA ASN C 133 8.47 -8.87 -30.66
C ASN C 133 9.44 -8.15 -29.73
N ARG C 134 8.91 -7.16 -29.02
CA ARG C 134 9.70 -6.30 -28.16
C ARG C 134 8.81 -5.88 -26.99
N ALA C 135 9.43 -5.56 -25.86
CA ALA C 135 8.67 -5.02 -24.74
C ALA C 135 8.53 -3.51 -24.90
N ILE C 136 7.45 -2.96 -24.37
CA ILE C 136 7.30 -1.50 -24.34
C ILE C 136 6.87 -1.06 -22.94
N MET C 137 7.53 -0.03 -22.43
CA MET C 137 7.28 0.43 -21.08
C MET C 137 5.99 1.22 -20.95
N VAL C 138 5.17 0.80 -19.98
CA VAL C 138 4.02 1.57 -19.58
C VAL C 138 4.40 2.30 -18.29
N ALA C 139 4.20 3.60 -18.27
CA ALA C 139 4.57 4.39 -17.10
C ALA C 139 3.86 5.73 -17.12
N HIS C 140 3.68 6.31 -15.94
CA HIS C 140 3.03 7.60 -15.83
C HIS C 140 4.06 8.70 -16.00
N ASN C 141 3.88 9.52 -17.04
CA ASN C 141 4.96 10.39 -17.53
C ASN C 141 6.17 9.49 -17.76
N ALA C 142 5.97 8.51 -18.63
CA ALA C 142 6.91 7.41 -18.86
C ALA C 142 8.35 7.85 -19.18
N ASN C 143 8.50 9.01 -19.80
CA ASN C 143 9.83 9.49 -20.18
C ASN C 143 10.76 9.52 -18.96
N PHE C 144 10.20 9.88 -17.80
CA PHE C 144 10.96 9.85 -16.54
C PHE C 144 11.45 8.44 -16.21
N ASP C 145 10.54 7.49 -16.15
CA ASP C 145 10.89 6.13 -15.76
C ASP C 145 11.78 5.48 -16.81
N HIS C 146 11.49 5.76 -18.07
CA HIS C 146 12.24 5.17 -19.17
C HIS C 146 13.70 5.63 -19.16
N SER C 147 13.91 6.93 -18.96
CA SER C 147 15.27 7.46 -18.92
C SER C 147 16.03 6.88 -17.72
N PHE C 148 15.37 6.78 -16.57
CA PHE C 148 16.03 6.19 -15.41
C PHE C 148 16.37 4.72 -15.65
N MET C 149 15.47 3.99 -16.26
CA MET C 149 15.73 2.58 -16.53
C MET C 149 16.87 2.41 -17.55
N MET C 150 16.92 3.28 -18.56
CA MET C 150 17.98 3.22 -19.56
C MET C 150 19.33 3.65 -18.97
N ALA C 151 19.32 4.75 -18.22
CA ALA C 151 20.52 5.23 -17.55
C ALA C 151 21.13 4.15 -16.69
N ALA C 152 20.28 3.43 -15.96
CA ALA C 152 20.74 2.35 -15.11
C ALA C 152 21.24 1.16 -15.93
N ALA C 153 20.54 0.89 -17.03
CA ALA C 153 20.90 -0.23 -17.89
C ALA C 153 22.28 -0.03 -18.50
N GLU C 154 22.62 1.23 -18.80
CA GLU C 154 23.90 1.55 -19.40
C GLU C 154 25.04 1.53 -18.38
N ARG C 155 24.78 2.03 -17.18
CA ARG C 155 25.76 1.98 -16.11
C ARG C 155 26.12 0.53 -15.77
N ALA C 156 25.15 -0.37 -15.93
CA ALA C 156 25.36 -1.77 -15.65
C ALA C 156 25.69 -2.54 -16.93
N SER C 157 25.82 -1.81 -18.03
CA SER C 157 26.09 -2.43 -19.32
C SER C 157 25.29 -3.70 -19.55
N LEU C 158 23.99 -3.65 -19.28
CA LEU C 158 23.13 -4.77 -19.60
C LEU C 158 23.13 -4.90 -21.13
N LYS C 159 23.14 -6.14 -21.62
CA LYS C 159 23.48 -6.39 -23.02
C LYS C 159 22.32 -6.69 -23.95
N ARG C 160 21.22 -7.21 -23.42
CA ARG C 160 20.08 -7.54 -24.27
C ARG C 160 18.77 -6.94 -23.75
N ASN C 161 18.72 -5.62 -23.73
CA ASN C 161 17.56 -4.89 -23.25
C ASN C 161 16.32 -5.14 -24.12
N PRO C 162 15.29 -5.78 -23.53
CA PRO C 162 14.09 -6.14 -24.29
C PRO C 162 13.13 -4.96 -24.49
N PHE C 163 13.44 -3.82 -23.88
CA PHE C 163 12.58 -2.65 -24.01
C PHE C 163 12.91 -1.83 -25.25
N HIS C 164 11.87 -1.31 -25.89
CA HIS C 164 12.06 -0.41 -27.01
C HIS C 164 12.84 0.80 -26.51
N PRO C 165 13.90 1.18 -27.24
CA PRO C 165 14.81 2.22 -26.77
C PRO C 165 14.26 3.65 -26.79
N PHE C 166 13.11 3.89 -27.41
CA PHE C 166 12.55 5.24 -27.36
C PHE C 166 11.02 5.36 -27.27
N ALA C 167 10.30 4.30 -27.62
CA ALA C 167 8.84 4.34 -27.58
C ALA C 167 8.31 3.91 -26.21
N THR C 168 7.21 4.52 -25.79
CA THR C 168 6.58 4.18 -24.52
C THR C 168 5.06 4.34 -24.57
N PHE C 169 4.39 3.73 -23.59
CA PHE C 169 2.96 3.94 -23.39
C PHE C 169 2.78 4.75 -22.13
N ASP C 170 2.60 6.05 -22.30
CA ASP C 170 2.51 7.00 -21.20
C ASP C 170 1.06 7.14 -20.72
N THR C 171 0.82 6.74 -19.48
CA THR C 171 -0.52 6.72 -18.92
C THR C 171 -1.08 8.11 -18.58
N ALA C 172 -0.20 9.11 -18.49
CA ALA C 172 -0.66 10.48 -18.35
C ALA C 172 -1.36 10.89 -19.65
N ALA C 173 -0.71 10.64 -20.78
CA ALA C 173 -1.33 10.93 -22.07
C ALA C 173 -2.62 10.11 -22.27
N LEU C 174 -2.54 8.81 -22.01
CA LEU C 174 -3.68 7.92 -22.22
C LEU C 174 -4.88 8.28 -21.32
N ALA C 175 -4.60 8.63 -20.07
CA ALA C 175 -5.65 9.05 -19.14
C ALA C 175 -6.19 10.42 -19.51
N GLY C 176 -5.33 11.28 -20.06
CA GLY C 176 -5.79 12.55 -20.57
C GLY C 176 -6.90 12.33 -21.58
N LEU C 177 -6.64 11.41 -22.51
CA LEU C 177 -7.60 11.03 -23.53
C LEU C 177 -8.85 10.39 -22.94
N ALA C 178 -8.65 9.30 -22.20
CA ALA C 178 -9.76 8.48 -21.72
C ALA C 178 -10.57 9.12 -20.61
N LEU C 179 -9.93 9.90 -19.75
CA LEU C 179 -10.57 10.34 -18.51
C LEU C 179 -10.50 11.83 -18.27
N GLY C 180 -9.85 12.56 -19.16
CA GLY C 180 -9.69 13.99 -18.98
C GLY C 180 -8.85 14.33 -17.76
N GLN C 181 -8.04 13.37 -17.31
CA GLN C 181 -7.15 13.57 -16.15
C GLN C 181 -5.72 13.13 -16.49
N THR C 182 -4.74 13.89 -16.04
CA THR C 182 -3.34 13.53 -16.29
C THR C 182 -2.56 13.21 -15.02
N VAL C 183 -3.08 13.63 -13.87
CA VAL C 183 -2.45 13.32 -12.60
C VAL C 183 -2.83 11.89 -12.17
N LEU C 184 -1.82 11.08 -11.84
CA LEU C 184 -2.05 9.67 -11.57
C LEU C 184 -3.19 9.44 -10.56
N SER C 185 -3.09 10.04 -9.38
CA SER C 185 -4.11 9.85 -8.35
C SER C 185 -5.50 10.23 -8.86
N LYS C 186 -5.60 11.39 -9.52
CA LYS C 186 -6.89 11.84 -10.04
C LYS C 186 -7.42 10.90 -11.13
N ALA C 187 -6.52 10.45 -11.99
CA ALA C 187 -6.92 9.55 -13.07
C ALA C 187 -7.50 8.25 -12.53
N CYS C 188 -6.82 7.70 -11.52
CA CYS C 188 -7.28 6.47 -10.87
C CYS C 188 -8.64 6.66 -10.22
N GLN C 189 -8.83 7.77 -9.52
CA GLN C 189 -10.10 8.05 -8.87
C GLN C 189 -11.22 8.22 -9.88
N THR C 190 -10.94 8.97 -10.95
CA THR C 190 -11.92 9.21 -11.99
C THR C 190 -12.31 7.91 -12.69
N ALA C 191 -11.40 6.93 -12.65
CA ALA C 191 -11.62 5.63 -13.24
C ALA C 191 -12.37 4.68 -12.29
N GLY C 192 -12.53 5.11 -11.04
CA GLY C 192 -13.23 4.30 -10.06
C GLY C 192 -12.33 3.40 -9.23
N MET C 193 -11.06 3.76 -9.17
CA MET C 193 -10.09 2.99 -8.37
C MET C 193 -9.87 3.68 -7.04
N ASP C 194 -9.50 2.91 -6.03
CA ASP C 194 -9.00 3.52 -4.82
C ASP C 194 -7.61 4.03 -5.13
N PHE C 195 -7.28 5.21 -4.62
CA PHE C 195 -5.91 5.67 -4.62
C PHE C 195 -5.55 6.22 -3.26
N ASP C 196 -4.39 5.85 -2.74
CA ASP C 196 -4.03 6.18 -1.36
C ASP C 196 -2.75 7.02 -1.29
N SER C 197 -2.91 8.25 -0.84
CA SER C 197 -1.79 9.17 -0.70
C SER C 197 -0.72 8.66 0.25
N THR C 198 -1.13 7.82 1.21
CA THR C 198 -0.18 7.27 2.17
C THR C 198 0.72 6.20 1.54
N GLN C 199 0.14 5.39 0.65
CA GLN C 199 0.88 4.28 0.05
C GLN C 199 1.81 4.70 -1.10
N ALA C 200 1.53 5.83 -1.71
CA ALA C 200 2.53 6.47 -2.54
C ALA C 200 3.59 6.99 -1.58
N HIS C 201 4.88 6.85 -1.88
CA HIS C 201 5.35 6.35 -3.17
C HIS C 201 6.18 5.08 -3.04
N SER C 202 5.55 3.98 -2.66
CA SER C 202 6.17 2.69 -2.83
C SER C 202 6.15 2.42 -4.32
N ALA C 203 7.29 2.00 -4.88
CA ALA C 203 7.34 1.70 -6.31
C ALA C 203 6.33 0.59 -6.62
N LEU C 204 6.12 -0.29 -5.64
CA LEU C 204 5.18 -1.40 -5.83
C LEU C 204 3.75 -0.88 -5.99
N TYR C 205 3.35 0.00 -5.07
CA TYR C 205 2.02 0.59 -5.11
C TYR C 205 1.82 1.42 -6.39
N ASP C 206 2.76 2.29 -6.70
CA ASP C 206 2.66 3.10 -7.93
C ASP C 206 2.47 2.19 -9.15
N THR C 207 3.36 1.21 -9.30
CA THR C 207 3.29 0.33 -10.45
C THR C 207 1.93 -0.35 -10.59
N GLU C 208 1.43 -0.94 -9.50
CA GLU C 208 0.17 -1.67 -9.58
C GLU C 208 -1.04 -0.77 -9.83
N ARG C 209 -1.06 0.44 -9.25
CA ARG C 209 -2.14 1.37 -9.53
C ARG C 209 -2.09 1.75 -11.01
N THR C 210 -0.87 1.89 -11.53
CA THR C 210 -0.67 2.27 -12.93
C THR C 210 -1.03 1.13 -13.88
N ALA C 211 -0.68 -0.09 -13.50
CA ALA C 211 -1.07 -1.29 -14.25
C ALA C 211 -2.59 -1.40 -14.36
N VAL C 212 -3.27 -1.29 -13.22
CA VAL C 212 -4.73 -1.38 -13.20
C VAL C 212 -5.37 -0.25 -14.02
N LEU C 213 -4.82 0.95 -13.88
CA LEU C 213 -5.29 2.07 -14.70
C LEU C 213 -5.11 1.78 -16.18
N PHE C 214 -3.92 1.31 -16.57
CA PHE C 214 -3.66 1.04 -17.97
C PHE C 214 -4.59 -0.03 -18.54
N CYS C 215 -4.79 -1.11 -17.79
CA CYS C 215 -5.69 -2.18 -18.22
C CYS C 215 -7.13 -1.66 -18.32
N GLU C 216 -7.52 -0.79 -17.39
CA GLU C 216 -8.88 -0.25 -17.39
C GLU C 216 -9.14 0.65 -18.61
N ILE C 217 -8.15 1.46 -18.98
CA ILE C 217 -8.28 2.31 -20.14
C ILE C 217 -8.41 1.49 -21.42
N VAL C 218 -7.49 0.53 -21.61
CA VAL C 218 -7.56 -0.37 -22.75
C VAL C 218 -8.88 -1.11 -22.79
N ASN C 219 -9.26 -1.71 -21.65
CA ASN C 219 -10.50 -2.47 -21.55
C ASN C 219 -11.75 -1.64 -21.79
N ARG C 220 -11.72 -0.39 -21.34
CA ARG C 220 -12.85 0.50 -21.54
C ARG C 220 -13.02 0.82 -23.03
N TRP C 221 -11.89 1.00 -23.71
CA TRP C 221 -11.90 1.27 -25.14
C TRP C 221 -12.59 0.12 -25.88
N LYS C 222 -12.29 -1.10 -25.47
CA LYS C 222 -12.92 -2.30 -26.04
C LYS C 222 -14.40 -2.39 -25.68
N ARG C 223 -14.74 -2.14 -24.43
CA ARG C 223 -16.14 -2.17 -23.99
C ARG C 223 -17.02 -1.20 -24.75
N LEU C 224 -16.44 -0.07 -25.19
CA LEU C 224 -17.21 0.94 -25.91
C LEU C 224 -17.29 0.62 -27.40
N GLY C 225 -16.66 -0.48 -27.80
CA GLY C 225 -16.67 -0.86 -29.20
C GLY C 225 -15.57 -0.16 -29.99
N GLY C 226 -14.69 0.55 -29.28
CA GLY C 226 -13.57 1.22 -29.93
C GLY C 226 -12.62 0.20 -30.52
N TRP C 227 -12.62 -0.99 -29.94
CA TRP C 227 -11.75 -2.05 -30.41
C TRP C 227 -12.48 -3.39 -30.33
N PRO C 228 -12.20 -4.30 -31.27
CA PRO C 228 -11.32 -4.10 -32.43
C PRO C 228 -11.91 -3.14 -33.46
N LEU C 229 -11.15 -2.83 -34.51
CA LEU C 229 -11.57 -1.86 -35.51
C LEU C 229 -12.55 -2.44 -36.52
N SER C 230 -13.25 -1.55 -37.23
CA SER C 230 -14.19 -1.94 -38.26
C SER C 230 -13.46 -2.27 -39.56
N ALA C 231 -12.71 -1.29 -40.06
CA ALA C 231 -11.96 -1.44 -41.30
C ALA C 231 -10.60 -0.75 -41.20
N ALA C 232 -9.56 -1.42 -41.71
CA ALA C 232 -8.20 -0.91 -41.61
C ALA C 232 -7.21 -1.96 -42.09
N ASN D 24 -16.24 33.57 -27.41
CA ASN D 24 -14.81 33.30 -27.29
C ASN D 24 -14.51 31.81 -27.20
N ALA D 25 -13.23 31.46 -27.34
CA ALA D 25 -12.77 30.09 -27.19
C ALA D 25 -12.95 29.61 -25.75
N GLN D 26 -13.20 30.55 -24.84
CA GLN D 26 -13.49 30.19 -23.46
C GLN D 26 -14.98 29.87 -23.31
N LEU D 27 -15.72 30.04 -24.40
CA LEU D 27 -17.10 29.57 -24.47
C LEU D 27 -17.11 28.17 -25.07
N THR D 28 -15.95 27.73 -25.54
CA THR D 28 -15.77 26.38 -26.03
C THR D 28 -15.10 25.54 -24.93
N GLY D 29 -15.09 24.23 -25.10
CA GLY D 29 -14.62 23.33 -24.07
C GLY D 29 -13.18 22.88 -24.21
N LEU D 30 -12.38 23.63 -24.96
CA LEU D 30 -10.98 23.27 -25.20
C LEU D 30 -10.18 23.15 -23.90
N CYS D 31 -10.38 24.09 -22.99
CA CYS D 31 -9.57 24.13 -21.79
C CYS D 31 -10.20 23.30 -20.66
N ASP D 32 -11.34 22.71 -20.95
CA ASP D 32 -11.99 21.80 -20.00
C ASP D 32 -11.68 20.36 -20.39
N ARG D 33 -11.44 20.13 -21.68
CA ARG D 33 -11.20 18.79 -22.17
C ARG D 33 -10.00 18.14 -21.51
N PHE D 34 -8.94 18.91 -21.30
CA PHE D 34 -7.73 18.37 -20.69
C PHE D 34 -7.31 19.14 -19.45
N ARG D 35 -8.30 19.44 -18.61
CA ARG D 35 -8.08 20.16 -17.36
C ARG D 35 -7.17 21.38 -17.52
N GLY D 36 -7.45 22.19 -18.53
CA GLY D 36 -6.74 23.44 -18.70
C GLY D 36 -5.42 23.32 -19.41
N PHE D 37 -5.16 22.13 -19.98
CA PHE D 37 -4.01 21.95 -20.83
C PHE D 37 -4.35 22.38 -22.26
N TYR D 38 -3.51 23.22 -22.81
CA TYR D 38 -3.70 23.77 -24.15
C TYR D 38 -2.77 23.02 -25.11
N PRO D 39 -3.32 22.04 -25.85
CA PRO D 39 -2.50 21.15 -26.67
C PRO D 39 -1.95 21.80 -27.94
N VAL D 40 -0.64 21.71 -28.10
CA VAL D 40 0.03 22.26 -29.27
C VAL D 40 0.80 21.15 -29.95
N VAL D 41 0.52 20.91 -31.22
CA VAL D 41 1.18 19.85 -31.97
C VAL D 41 2.52 20.32 -32.52
N ILE D 42 3.54 19.51 -32.35
CA ILE D 42 4.90 19.90 -32.69
C ILE D 42 5.64 18.79 -33.43
N ASP D 43 6.39 19.18 -34.45
CA ASP D 43 7.37 18.31 -35.07
C ASP D 43 8.67 19.05 -35.31
N VAL D 44 9.79 18.41 -34.99
CA VAL D 44 11.09 18.97 -35.29
C VAL D 44 11.80 18.09 -36.30
N GLU D 45 12.60 18.68 -37.17
CA GLU D 45 13.58 17.90 -37.92
C GLU D 45 14.95 18.34 -37.43
N THR D 46 15.87 17.40 -37.33
CA THR D 46 17.12 17.63 -36.63
C THR D 46 18.29 17.01 -37.38
N ALA D 47 19.51 17.31 -36.92
CA ALA D 47 20.70 16.75 -37.54
C ALA D 47 21.26 15.57 -36.73
N GLY D 48 20.39 14.89 -35.97
CA GLY D 48 20.80 13.75 -35.18
C GLY D 48 19.84 13.41 -34.05
N PHE D 49 20.15 12.36 -33.29
CA PHE D 49 19.28 11.87 -32.24
C PHE D 49 19.52 12.50 -30.87
N ASN D 50 20.63 13.20 -30.71
CA ASN D 50 20.96 13.78 -29.42
C ASN D 50 20.59 15.26 -29.29
N ALA D 51 19.54 15.54 -28.52
CA ALA D 51 18.99 16.88 -28.41
C ALA D 51 20.03 17.88 -27.93
N LYS D 52 20.96 17.42 -27.10
CA LYS D 52 21.93 18.31 -26.49
C LYS D 52 23.02 18.78 -27.45
N THR D 53 23.41 17.91 -28.38
CA THR D 53 24.55 18.19 -29.24
C THR D 53 24.18 18.38 -30.72
N ASP D 54 23.10 17.72 -31.15
CA ASP D 54 22.72 17.71 -32.56
C ASP D 54 21.86 18.90 -32.98
N ALA D 55 22.07 19.37 -34.20
CA ALA D 55 21.38 20.56 -34.69
C ALA D 55 19.87 20.37 -34.81
N LEU D 56 19.13 21.39 -34.35
CA LEU D 56 17.72 21.53 -34.68
C LEU D 56 17.65 22.25 -36.03
N LEU D 57 17.03 21.61 -37.01
CA LEU D 57 17.03 22.14 -38.36
C LEU D 57 15.70 22.76 -38.76
N GLU D 58 14.63 22.33 -38.11
CA GLU D 58 13.30 22.73 -38.55
C GLU D 58 12.26 22.40 -37.49
N ILE D 59 11.27 23.29 -37.34
CA ILE D 59 10.17 23.07 -36.41
C ILE D 59 8.86 23.59 -36.95
N ALA D 60 7.77 22.89 -36.63
CA ALA D 60 6.44 23.39 -36.96
C ALA D 60 5.49 23.17 -35.79
N ALA D 61 4.46 24.00 -35.72
CA ALA D 61 3.56 24.00 -34.57
C ALA D 61 2.15 24.31 -35.02
N ILE D 62 1.21 23.48 -34.60
CA ILE D 62 -0.19 23.68 -34.92
C ILE D 62 -0.98 23.66 -33.63
N THR D 63 -1.64 24.77 -33.33
CA THR D 63 -2.52 24.84 -32.18
C THR D 63 -3.87 24.28 -32.58
N LEU D 64 -4.68 23.94 -31.60
CA LEU D 64 -5.98 23.35 -31.88
C LEU D 64 -7.09 24.19 -31.29
N LYS D 65 -8.30 23.93 -31.75
CA LYS D 65 -9.50 24.58 -31.23
C LYS D 65 -10.63 23.56 -31.22
N MET D 66 -11.66 23.85 -30.43
CA MET D 66 -12.82 22.98 -30.36
C MET D 66 -14.02 23.76 -30.87
N ASP D 67 -14.78 23.20 -31.81
CA ASP D 67 -15.95 23.89 -32.32
C ASP D 67 -17.11 23.78 -31.35
N GLU D 68 -18.25 24.34 -31.74
CA GLU D 68 -19.44 24.35 -30.90
C GLU D 68 -19.94 22.93 -30.54
N GLN D 69 -19.86 22.01 -31.50
CA GLN D 69 -20.27 20.62 -31.27
C GLN D 69 -19.33 19.88 -30.31
N GLY D 70 -18.20 20.48 -29.98
CA GLY D 70 -17.24 19.86 -29.09
C GLY D 70 -16.19 19.02 -29.80
N TRP D 71 -16.13 19.15 -31.13
CA TRP D 71 -15.12 18.46 -31.91
C TRP D 71 -13.81 19.25 -31.98
N LEU D 72 -12.70 18.54 -32.03
CA LEU D 72 -11.38 19.15 -32.02
C LEU D 72 -10.81 19.22 -33.44
N MET D 73 -10.16 20.34 -33.76
CA MET D 73 -9.58 20.55 -35.08
C MET D 73 -8.41 21.53 -34.99
N PRO D 74 -7.54 21.52 -36.00
CA PRO D 74 -6.39 22.43 -36.05
C PRO D 74 -6.81 23.89 -36.10
N ASP D 75 -6.04 24.75 -35.44
CA ASP D 75 -6.31 26.17 -35.43
C ASP D 75 -5.21 26.93 -36.19
N THR D 76 -4.17 27.36 -35.49
CA THR D 76 -3.08 28.13 -36.11
C THR D 76 -1.83 27.29 -36.41
N THR D 77 -1.20 27.55 -37.56
CA THR D 77 0.03 26.86 -37.96
C THR D 77 1.25 27.80 -38.05
N LEU D 78 2.35 27.41 -37.41
CA LEU D 78 3.64 28.09 -37.59
C LEU D 78 4.70 27.12 -38.09
N HIS D 79 5.67 27.62 -38.87
CA HIS D 79 6.70 26.78 -39.48
C HIS D 79 8.02 27.54 -39.66
N PHE D 80 9.10 27.04 -39.10
CA PHE D 80 10.41 27.68 -39.20
C PHE D 80 11.51 26.71 -39.57
N HIS D 81 12.41 27.15 -40.44
CA HIS D 81 13.67 26.46 -40.64
C HIS D 81 14.69 27.10 -39.69
N VAL D 82 15.52 26.27 -39.09
CA VAL D 82 16.41 26.75 -38.04
C VAL D 82 17.88 26.59 -38.40
N GLU D 83 18.63 27.66 -38.22
CA GLU D 83 20.08 27.61 -38.38
C GLU D 83 20.65 26.74 -37.26
N PRO D 84 21.60 25.87 -37.61
CA PRO D 84 22.30 25.06 -36.60
C PRO D 84 22.97 25.95 -35.56
N PHE D 85 22.61 25.77 -34.30
CA PHE D 85 23.20 26.56 -33.22
C PHE D 85 24.72 26.47 -33.27
N VAL D 86 25.39 27.50 -32.74
CA VAL D 86 26.85 27.55 -32.77
C VAL D 86 27.45 26.38 -31.99
N GLY D 87 28.21 25.54 -32.69
CA GLY D 87 28.84 24.40 -32.06
C GLY D 87 28.10 23.09 -32.30
N ALA D 88 26.99 23.19 -33.01
CA ALA D 88 26.10 22.05 -33.23
C ALA D 88 26.74 20.93 -34.05
N ASN D 89 26.49 19.69 -33.63
CA ASN D 89 26.94 18.53 -34.39
C ASN D 89 25.95 18.26 -35.54
N LEU D 90 26.44 17.70 -36.64
CA LEU D 90 25.58 17.42 -37.79
C LEU D 90 25.82 16.04 -38.39
N GLN D 91 24.91 15.11 -38.12
CA GLN D 91 25.01 13.75 -38.64
C GLN D 91 24.59 13.72 -40.10
N PRO D 92 25.44 13.16 -40.97
CA PRO D 92 25.13 13.04 -42.39
C PRO D 92 23.96 12.08 -42.66
N GLU D 93 23.86 10.99 -41.90
CA GLU D 93 22.77 10.05 -42.05
C GLU D 93 21.43 10.71 -41.72
N ALA D 94 21.43 11.59 -40.73
CA ALA D 94 20.23 12.34 -40.37
C ALA D 94 19.80 13.20 -41.55
N LEU D 95 20.75 13.96 -42.10
CA LEU D 95 20.48 14.82 -43.24
C LEU D 95 20.04 14.00 -44.45
N ALA D 96 20.69 12.84 -44.65
CA ALA D 96 20.27 11.93 -45.69
C ALA D 96 18.84 11.48 -45.43
N PHE D 97 18.54 11.20 -44.16
CA PHE D 97 17.21 10.70 -43.80
C PHE D 97 16.11 11.72 -44.08
N ASN D 98 16.39 12.98 -43.75
CA ASN D 98 15.37 14.03 -43.86
C ASN D 98 15.53 14.91 -45.09
N GLY D 99 16.58 14.67 -45.87
CA GLY D 99 16.80 15.38 -47.12
C GLY D 99 17.04 16.87 -46.96
N ILE D 100 17.31 17.32 -45.74
CA ILE D 100 17.56 18.73 -45.50
C ILE D 100 19.02 19.10 -45.75
N ASP D 101 19.23 20.10 -46.62
CA ASP D 101 20.54 20.67 -46.84
C ASP D 101 20.64 22.00 -46.12
N PRO D 102 21.40 22.05 -45.02
CA PRO D 102 21.47 23.22 -44.14
C PRO D 102 21.94 24.49 -44.84
N ASN D 103 22.72 24.36 -45.91
CA ASN D 103 23.26 25.53 -46.58
C ASN D 103 22.45 26.03 -47.78
N ASP D 104 21.34 25.35 -48.06
CA ASP D 104 20.42 25.79 -49.10
C ASP D 104 19.90 27.19 -48.80
N PRO D 105 20.05 28.12 -49.76
CA PRO D 105 19.67 29.53 -49.57
C PRO D 105 18.15 29.73 -49.51
N ASP D 106 17.39 28.75 -49.96
CA ASP D 106 15.94 28.86 -49.98
C ASP D 106 15.30 28.61 -48.61
N ARG D 107 16.10 28.06 -47.67
CA ARG D 107 15.59 27.73 -46.33
C ARG D 107 15.09 28.92 -45.53
N GLY D 108 15.76 30.06 -45.66
CA GLY D 108 15.42 31.21 -44.85
C GLY D 108 15.55 30.87 -43.38
N ALA D 109 16.57 30.10 -43.04
CA ALA D 109 16.80 29.66 -41.67
C ALA D 109 16.87 30.85 -40.70
N VAL D 110 16.31 30.65 -39.52
CA VAL D 110 16.40 31.64 -38.46
C VAL D 110 17.00 30.98 -37.23
N SER D 111 17.38 31.78 -36.23
CA SER D 111 18.00 31.22 -35.04
C SER D 111 16.96 30.48 -34.22
N GLY D 112 17.42 29.53 -33.41
CA GLY D 112 16.53 28.84 -32.48
C GLY D 112 15.72 29.85 -31.71
N TYR D 113 16.37 30.96 -31.34
CA TYR D 113 15.69 32.00 -30.58
C TYR D 113 14.51 32.59 -31.34
N GLU D 114 14.70 32.88 -32.62
CA GLU D 114 13.65 33.48 -33.43
C GLU D 114 12.45 32.54 -33.52
N ALA D 115 12.71 31.27 -33.85
CA ALA D 115 11.64 30.30 -34.03
C ALA D 115 10.84 30.10 -32.75
N LEU D 116 11.51 29.63 -31.70
CA LEU D 116 10.85 29.36 -30.44
C LEU D 116 10.14 30.59 -29.88
N HIS D 117 10.76 31.76 -30.00
CA HIS D 117 10.12 32.98 -29.50
C HIS D 117 8.79 33.24 -30.21
N GLU D 118 8.77 33.11 -31.52
CA GLU D 118 7.54 33.34 -32.28
C GLU D 118 6.45 32.32 -31.91
N ILE D 119 6.86 31.05 -31.80
CA ILE D 119 5.94 30.00 -31.38
C ILE D 119 5.44 30.19 -29.95
N PHE D 120 6.36 30.43 -29.01
CA PHE D 120 5.98 30.63 -27.62
C PHE D 120 5.02 31.82 -27.51
N LYS D 121 5.26 32.81 -28.35
CA LYS D 121 4.43 34.00 -28.39
C LYS D 121 2.99 33.66 -28.75
N VAL D 122 2.81 33.03 -29.90
CA VAL D 122 1.47 32.64 -30.36
C VAL D 122 0.80 31.64 -29.42
N VAL D 123 1.59 30.80 -28.76
CA VAL D 123 1.01 29.81 -27.85
C VAL D 123 0.44 30.46 -26.60
N ARG D 124 1.18 31.42 -26.03
CA ARG D 124 0.71 32.16 -24.86
C ARG D 124 -0.59 32.88 -25.15
N LYS D 125 -0.66 33.50 -26.32
CA LYS D 125 -1.86 34.21 -26.74
C LYS D 125 -3.03 33.23 -26.80
N GLY D 126 -2.78 32.04 -27.34
CA GLY D 126 -3.81 31.02 -27.45
C GLY D 126 -4.26 30.53 -26.08
N ILE D 127 -3.31 30.41 -25.16
CA ILE D 127 -3.61 29.96 -23.80
C ILE D 127 -4.55 30.93 -23.07
N LYS D 128 -4.26 32.22 -23.19
CA LYS D 128 -5.05 33.22 -22.50
C LYS D 128 -6.45 33.37 -23.10
N ALA D 129 -6.53 33.41 -24.42
CA ALA D 129 -7.81 33.58 -25.10
C ALA D 129 -8.70 32.34 -24.98
N SER D 130 -8.09 31.18 -24.80
CA SER D 130 -8.85 29.94 -24.66
C SER D 130 -9.17 29.64 -23.20
N GLY D 131 -8.38 30.22 -22.30
CA GLY D 131 -8.62 30.08 -20.87
C GLY D 131 -7.96 28.87 -20.24
N CYS D 132 -6.89 28.37 -20.87
CA CYS D 132 -6.08 27.31 -20.28
C CYS D 132 -5.05 27.96 -19.37
N ASN D 133 -4.17 27.16 -18.80
CA ASN D 133 -3.09 27.71 -18.00
C ASN D 133 -1.69 27.29 -18.45
N ARG D 134 -1.62 26.19 -19.21
CA ARG D 134 -0.34 25.65 -19.65
C ARG D 134 -0.49 24.95 -20.99
N ALA D 135 0.50 25.08 -21.86
CA ALA D 135 0.48 24.35 -23.11
C ALA D 135 1.07 22.97 -22.87
N ILE D 136 0.58 21.98 -23.62
CA ILE D 136 1.17 20.64 -23.58
C ILE D 136 1.49 20.18 -24.99
N MET D 137 2.69 19.66 -25.18
CA MET D 137 3.13 19.25 -26.50
C MET D 137 2.49 17.95 -26.94
N VAL D 138 1.92 17.97 -28.15
CA VAL D 138 1.47 16.76 -28.81
C VAL D 138 2.51 16.42 -29.86
N ALA D 139 2.99 15.18 -29.84
CA ALA D 139 4.03 14.78 -30.77
C ALA D 139 4.15 13.28 -30.86
N HIS D 140 4.66 12.80 -31.98
CA HIS D 140 4.80 11.37 -32.19
C HIS D 140 6.14 10.89 -31.63
N ASN D 141 6.07 10.03 -30.61
CA ASN D 141 7.24 9.73 -29.80
C ASN D 141 7.73 11.05 -29.24
N ALA D 142 6.82 11.72 -28.53
CA ALA D 142 6.95 13.10 -28.10
C ALA D 142 8.22 13.46 -27.33
N ASN D 143 8.79 12.50 -26.61
CA ASN D 143 9.97 12.81 -25.79
C ASN D 143 11.10 13.39 -26.63
N PHE D 144 11.24 12.87 -27.85
CA PHE D 144 12.22 13.35 -28.82
C PHE D 144 12.00 14.83 -29.15
N ASP D 145 10.78 15.17 -29.58
CA ASP D 145 10.49 16.54 -29.96
C ASP D 145 10.56 17.46 -28.75
N HIS D 146 10.05 16.97 -27.63
CA HIS D 146 10.05 17.73 -26.39
C HIS D 146 11.48 18.01 -25.92
N SER D 147 12.33 17.00 -25.97
CA SER D 147 13.71 17.17 -25.53
C SER D 147 14.45 18.14 -26.47
N PHE D 148 14.28 17.99 -27.78
CA PHE D 148 14.91 18.94 -28.70
C PHE D 148 14.39 20.35 -28.49
N MET D 149 13.10 20.49 -28.23
CA MET D 149 12.51 21.81 -28.06
C MET D 149 12.98 22.49 -26.78
N MET D 150 13.07 21.73 -25.68
CA MET D 150 13.56 22.28 -24.42
C MET D 150 15.03 22.64 -24.53
N ALA D 151 15.81 21.74 -25.11
CA ALA D 151 17.23 21.99 -25.35
C ALA D 151 17.42 23.34 -26.03
N ALA D 152 16.74 23.54 -27.15
CA ALA D 152 16.82 24.80 -27.88
C ALA D 152 16.33 25.96 -27.00
N ALA D 153 15.27 25.72 -26.24
CA ALA D 153 14.77 26.73 -25.31
C ALA D 153 15.89 27.13 -24.35
N GLU D 154 16.61 26.15 -23.81
CA GLU D 154 17.68 26.41 -22.86
C GLU D 154 18.82 27.16 -23.53
N ARG D 155 19.33 26.61 -24.63
CA ARG D 155 20.38 27.25 -25.42
C ARG D 155 20.08 28.72 -25.66
N ALA D 156 18.85 29.00 -26.06
CA ALA D 156 18.44 30.36 -26.40
C ALA D 156 18.15 31.20 -25.18
N SER D 157 18.09 30.56 -24.01
CA SER D 157 17.74 31.24 -22.77
C SER D 157 16.35 31.87 -22.85
N LEU D 158 15.42 31.18 -23.50
CA LEU D 158 14.06 31.68 -23.61
C LEU D 158 13.37 31.68 -22.26
N LYS D 159 12.53 32.67 -22.01
CA LYS D 159 11.82 32.77 -20.74
C LYS D 159 10.31 32.66 -20.90
N ARG D 160 9.64 32.25 -19.84
CA ARG D 160 8.19 32.04 -19.87
C ARG D 160 7.77 31.03 -20.95
N ASN D 161 8.54 29.94 -21.02
CA ASN D 161 8.18 28.79 -21.85
C ASN D 161 6.81 28.26 -21.45
N PRO D 162 5.82 28.37 -22.36
CA PRO D 162 4.44 28.04 -22.02
C PRO D 162 4.17 26.53 -21.95
N PHE D 163 5.14 25.72 -22.36
CA PHE D 163 4.98 24.27 -22.38
C PHE D 163 5.28 23.62 -21.04
N HIS D 164 4.51 22.58 -20.71
CA HIS D 164 4.77 21.80 -19.52
C HIS D 164 6.16 21.19 -19.64
N PRO D 165 6.99 21.37 -18.61
CA PRO D 165 8.40 20.94 -18.62
C PRO D 165 8.65 19.43 -18.68
N PHE D 166 7.64 18.60 -18.44
CA PHE D 166 7.86 17.17 -18.54
C PHE D 166 6.71 16.33 -19.08
N ALA D 167 5.49 16.88 -19.05
CA ALA D 167 4.31 16.16 -19.55
C ALA D 167 4.08 16.39 -21.04
N THR D 168 3.67 15.33 -21.75
CA THR D 168 3.34 15.43 -23.17
C THR D 168 2.15 14.55 -23.55
N PHE D 169 1.61 14.77 -24.74
CA PHE D 169 0.64 13.85 -25.32
C PHE D 169 1.29 13.11 -26.48
N ASP D 170 1.74 11.88 -26.21
CA ASP D 170 2.40 11.08 -27.23
C ASP D 170 1.38 10.37 -28.11
N THR D 171 1.34 10.72 -29.39
CA THR D 171 0.40 10.12 -30.33
C THR D 171 0.76 8.68 -30.72
N ALA D 172 2.01 8.29 -30.50
CA ALA D 172 2.38 6.89 -30.68
C ALA D 172 1.67 6.04 -29.62
N ALA D 173 1.67 6.51 -28.38
CA ALA D 173 0.91 5.82 -27.33
C ALA D 173 -0.58 5.89 -27.62
N LEU D 174 -1.09 7.08 -27.91
CA LEU D 174 -2.50 7.29 -28.18
C LEU D 174 -2.99 6.48 -29.39
N ALA D 175 -2.18 6.44 -30.45
CA ALA D 175 -2.51 5.62 -31.62
C ALA D 175 -2.44 4.14 -31.29
N GLY D 176 -1.52 3.76 -30.41
CA GLY D 176 -1.41 2.38 -29.97
C GLY D 176 -2.72 1.93 -29.34
N LEU D 177 -3.27 2.78 -28.48
CA LEU D 177 -4.54 2.52 -27.84
C LEU D 177 -5.68 2.49 -28.86
N ALA D 178 -5.90 3.61 -29.54
CA ALA D 178 -7.07 3.77 -30.40
C ALA D 178 -7.02 2.96 -31.70
N LEU D 179 -5.83 2.78 -32.25
CA LEU D 179 -5.72 2.22 -33.59
C LEU D 179 -4.91 0.94 -33.68
N GLY D 180 -4.35 0.51 -32.56
CA GLY D 180 -3.52 -0.67 -32.54
C GLY D 180 -2.24 -0.48 -33.35
N GLN D 181 -1.90 0.77 -33.64
CA GLN D 181 -0.71 1.10 -34.43
C GLN D 181 0.14 2.16 -33.72
N THR D 182 1.45 2.03 -33.81
CA THR D 182 2.34 3.02 -33.19
C THR D 182 3.16 3.83 -34.21
N VAL D 183 3.39 3.25 -35.39
CA VAL D 183 4.12 3.97 -36.44
C VAL D 183 3.24 5.06 -37.10
N LEU D 184 3.76 6.28 -37.14
CA LEU D 184 2.99 7.42 -37.65
C LEU D 184 2.23 7.12 -38.95
N SER D 185 2.95 6.76 -40.00
CA SER D 185 2.32 6.53 -41.29
C SER D 185 1.20 5.49 -41.21
N LYS D 186 1.49 4.36 -40.55
CA LYS D 186 0.48 3.30 -40.41
C LYS D 186 -0.74 3.76 -39.61
N ALA D 187 -0.50 4.50 -38.53
CA ALA D 187 -1.60 4.97 -37.69
C ALA D 187 -2.52 5.88 -38.49
N CYS D 188 -1.92 6.78 -39.25
CA CYS D 188 -2.67 7.68 -40.11
C CYS D 188 -3.48 6.91 -41.14
N GLN D 189 -2.83 5.98 -41.83
CA GLN D 189 -3.50 5.16 -42.82
C GLN D 189 -4.65 4.39 -42.17
N THR D 190 -4.35 3.72 -41.06
CA THR D 190 -5.37 2.97 -40.33
C THR D 190 -6.53 3.86 -39.90
N ALA D 191 -6.24 5.14 -39.70
CA ALA D 191 -7.24 6.12 -39.29
C ALA D 191 -8.05 6.62 -40.49
N GLY D 192 -7.63 6.23 -41.68
CA GLY D 192 -8.33 6.62 -42.90
C GLY D 192 -7.75 7.85 -43.57
N MET D 193 -6.60 8.31 -43.07
CA MET D 193 -5.97 9.50 -43.64
C MET D 193 -5.04 9.10 -44.77
N ASP D 194 -4.74 10.04 -45.65
CA ASP D 194 -3.67 9.84 -46.59
C ASP D 194 -2.35 10.09 -45.88
N PHE D 195 -1.32 9.35 -46.27
CA PHE D 195 0.02 9.62 -45.80
C PHE D 195 1.00 9.36 -46.93
N ASP D 196 1.97 10.25 -47.11
CA ASP D 196 2.91 10.12 -48.22
C ASP D 196 4.38 10.16 -47.79
N SER D 197 5.13 9.16 -48.24
CA SER D 197 6.55 9.04 -47.88
C SER D 197 7.42 10.14 -48.48
N THR D 198 7.01 10.67 -49.64
CA THR D 198 7.77 11.73 -50.26
C THR D 198 7.71 12.98 -49.38
N GLN D 199 6.51 13.28 -48.89
CA GLN D 199 6.29 14.49 -48.11
C GLN D 199 6.78 14.37 -46.66
N ALA D 200 6.91 13.15 -46.16
CA ALA D 200 7.38 12.96 -44.80
C ALA D 200 8.66 13.75 -44.55
N HIS D 201 8.82 14.22 -43.32
CA HIS D 201 10.06 14.86 -42.87
C HIS D 201 10.23 16.31 -43.29
N SER D 202 9.21 16.85 -43.95
CA SER D 202 8.96 18.27 -43.88
C SER D 202 8.28 18.42 -42.53
N ALA D 203 8.73 19.38 -41.72
CA ALA D 203 8.16 19.56 -40.39
C ALA D 203 6.69 19.96 -40.49
N LEU D 204 6.36 20.72 -41.53
CA LEU D 204 4.98 21.14 -41.76
C LEU D 204 4.11 19.92 -41.96
N TYR D 205 4.56 19.03 -42.85
CA TYR D 205 3.80 17.83 -43.18
C TYR D 205 3.64 16.89 -41.98
N ASP D 206 4.73 16.52 -41.33
CA ASP D 206 4.67 15.71 -40.11
C ASP D 206 3.70 16.29 -39.10
N THR D 207 3.87 17.57 -38.78
CA THR D 207 3.05 18.20 -37.77
C THR D 207 1.57 18.16 -38.15
N GLU D 208 1.30 18.44 -39.41
CA GLU D 208 -0.08 18.48 -39.90
C GLU D 208 -0.77 17.10 -39.86
N ARG D 209 -0.09 16.06 -40.34
CA ARG D 209 -0.65 14.71 -40.26
C ARG D 209 -0.83 14.31 -38.79
N THR D 210 0.15 14.64 -37.97
CA THR D 210 0.11 14.32 -36.54
C THR D 210 -1.06 15.04 -35.82
N ALA D 211 -1.33 16.28 -36.20
CA ALA D 211 -2.44 17.04 -35.60
C ALA D 211 -3.79 16.46 -36.00
N VAL D 212 -3.93 16.13 -37.28
CA VAL D 212 -5.17 15.53 -37.78
C VAL D 212 -5.38 14.16 -37.12
N LEU D 213 -4.31 13.39 -36.99
CA LEU D 213 -4.39 12.11 -36.29
C LEU D 213 -4.84 12.29 -34.84
N PHE D 214 -4.28 13.28 -34.16
CA PHE D 214 -4.61 13.50 -32.75
C PHE D 214 -6.06 13.95 -32.60
N CYS D 215 -6.51 14.85 -33.46
CA CYS D 215 -7.90 15.33 -33.40
C CYS D 215 -8.86 14.17 -33.71
N GLU D 216 -8.48 13.31 -34.64
CA GLU D 216 -9.30 12.17 -35.03
C GLU D 216 -9.45 11.17 -33.88
N ILE D 217 -8.38 11.00 -33.12
CA ILE D 217 -8.41 10.07 -31.99
C ILE D 217 -9.30 10.61 -30.86
N VAL D 218 -9.13 11.89 -30.53
CA VAL D 218 -9.97 12.52 -29.52
C VAL D 218 -11.44 12.48 -29.97
N ASN D 219 -11.69 12.87 -31.22
CA ASN D 219 -13.04 12.91 -31.76
C ASN D 219 -13.71 11.53 -31.80
N ARG D 220 -12.93 10.52 -32.18
CA ARG D 220 -13.44 9.16 -32.21
C ARG D 220 -13.87 8.69 -30.83
N TRP D 221 -13.08 9.03 -29.81
CA TRP D 221 -13.42 8.63 -28.46
C TRP D 221 -14.75 9.25 -28.06
N LYS D 222 -14.97 10.49 -28.50
CA LYS D 222 -16.24 11.18 -28.25
C LYS D 222 -17.39 10.52 -29.05
N ARG D 223 -17.17 10.29 -30.34
CA ARG D 223 -18.15 9.62 -31.19
C ARG D 223 -18.62 8.27 -30.62
N LEU D 224 -17.74 7.58 -29.91
CA LEU D 224 -18.08 6.27 -29.36
C LEU D 224 -18.77 6.36 -28.00
N GLY D 225 -18.89 7.58 -27.49
CA GLY D 225 -19.49 7.78 -26.18
C GLY D 225 -18.47 7.63 -25.05
N GLY D 226 -17.19 7.67 -25.39
CA GLY D 226 -16.15 7.57 -24.39
C GLY D 226 -16.06 8.86 -23.59
N TRP D 227 -16.42 9.95 -24.23
CA TRP D 227 -16.40 11.26 -23.61
C TRP D 227 -17.64 12.04 -24.03
N PRO D 228 -18.20 12.85 -23.12
CA PRO D 228 -17.82 13.02 -21.72
C PRO D 228 -18.15 11.80 -20.86
N LEU D 229 -17.69 11.81 -19.61
CA LEU D 229 -17.85 10.68 -18.71
C LEU D 229 -19.22 10.62 -18.08
N SER D 230 -19.56 9.46 -17.51
CA SER D 230 -20.82 9.24 -16.81
C SER D 230 -20.96 10.12 -15.56
N ALA D 231 -22.12 10.08 -14.93
CA ALA D 231 -22.36 10.81 -13.69
C ALA D 231 -21.41 10.32 -12.59
N ALA D 232 -21.19 9.02 -12.54
CA ALA D 232 -20.04 8.51 -11.82
C ALA D 232 -18.84 9.06 -12.58
N GLU D 233 -18.03 9.88 -11.91
CA GLU D 233 -16.94 10.59 -12.58
C GLU D 233 -16.27 9.78 -13.68
MG MG I . 3.32 -9.03 38.34
CO CO J . 6.96 -24.80 35.89
MG MG K . -9.34 -14.32 8.70
CO CO L . 6.83 -15.95 5.95
CO CO M . 6.07 7.12 -6.83
CO CO N . 9.85 13.96 -39.84
CO CO O . 18.52 25.85 -32.00
MG MG P . 2.01 -9.26 34.84
MG MG Q . -8.01 -14.07 12.17
MG MG R . 6.43 7.60 -10.76
MG MG S . 9.08 13.59 -35.86
#